data_5XSP
#
_entry.id   5XSP
#
_cell.length_a   54.619
_cell.length_b   117.263
_cell.length_c   127.368
_cell.angle_alpha   90.00
_cell.angle_beta   90.00
_cell.angle_gamma   90.00
#
_symmetry.space_group_name_H-M   'P 21 21 21'
#
loop_
_entity.id
_entity.type
_entity.pdbx_description
1 polymer 'Phosphodiesterase acting on cyclic dinucleotides'
2 polymer "DNA (5'-R(P*AP*A)-3')"
3 non-polymer 'MANGANESE (II) ION'
4 water water
#
loop_
_entity_poly.entity_id
_entity_poly.type
_entity_poly.pdbx_seq_one_letter_code
_entity_poly.pdbx_strand_id
1 'polypeptide(L)'
;GSMRTRVRARVISHALKDILAEGDKVIIMGHKRPDLDAIGAAIGVSRFAMMNNLEAYIVLNETDIDPTLRRVMNEIDKKP
ELRERFITSDDAWDMMTSKTTVVIVDTHKPELVLDENVLNKANRKVVIDHHRRGESFISNPLLIYMEPYASSTAELVTEL
LEYQPTEQRLTRLESTVMYAGIIVDTRNFTLRTGSRTFDAASYLRAHGADTILTQHFLKDDVDTYINRSELIRTVKVEDN
GIAIAHGSDDKIYHPVTVAQAADELLSLEGIEASYVVARREDNLIGISARSLGSVNVQLTMEALGGGGHLTNAATQLKGV
TVEEAIAQLQQAITEQLSRSEDA
;
A,B
2 'polyribonucleotide' AA C,D
#
loop_
_chem_comp.id
_chem_comp.type
_chem_comp.name
_chem_comp.formula
A RNA linking ADENOSINE-5'-MONOPHOSPHATE 'C10 H14 N5 O7 P'
MN non-polymer 'MANGANESE (II) ION' 'Mn 2'
#
# COMPACT_ATOMS: atom_id res chain seq x y z
N ARG A 6 5.13 -2.81 24.57
CA ARG A 6 5.54 -4.11 24.04
C ARG A 6 6.18 -4.99 25.10
N VAL A 7 5.97 -4.64 26.36
CA VAL A 7 6.34 -5.52 27.45
C VAL A 7 5.58 -6.83 27.26
N ARG A 8 4.34 -6.72 26.81
CA ARG A 8 3.52 -7.91 26.71
C ARG A 8 4.10 -8.93 25.71
N ALA A 9 4.63 -8.46 24.58
CA ALA A 9 5.17 -9.35 23.56
C ALA A 9 6.34 -10.21 24.03
N ARG A 10 7.24 -9.63 24.82
CA ARG A 10 8.36 -10.37 25.38
C ARG A 10 7.85 -11.50 26.29
N VAL A 11 7.02 -11.14 27.26
CA VAL A 11 6.54 -12.10 28.25
C VAL A 11 5.76 -13.23 27.57
N ILE A 12 4.88 -12.85 26.65
CA ILE A 12 4.05 -13.80 25.92
C ILE A 12 4.90 -14.72 25.05
N SER A 13 5.98 -14.19 24.47
CA SER A 13 6.83 -15.01 23.62
C SER A 13 7.55 -16.14 24.39
N HIS A 14 8.08 -15.83 25.56
CA HIS A 14 8.73 -16.85 26.37
C HIS A 14 7.73 -17.78 27.05
N ALA A 15 6.59 -17.24 27.47
CA ALA A 15 5.54 -18.07 28.03
C ALA A 15 5.04 -19.03 26.97
N LEU A 16 4.93 -18.56 25.72
CA LEU A 16 4.47 -19.43 24.65
C LEU A 16 5.45 -20.57 24.44
N LYS A 17 6.74 -20.25 24.38
CA LYS A 17 7.76 -21.25 24.11
C LYS A 17 7.79 -22.36 25.18
N ASP A 18 7.54 -22.01 26.44
CA ASP A 18 7.52 -23.02 27.50
C ASP A 18 6.32 -23.94 27.32
N ILE A 19 5.14 -23.36 27.07
CA ILE A 19 3.94 -24.15 26.84
C ILE A 19 4.12 -25.14 25.67
N LEU A 20 4.60 -24.64 24.54
CA LEU A 20 4.81 -25.49 23.36
C LEU A 20 5.82 -26.59 23.63
N ALA A 21 6.91 -26.25 24.33
CA ALA A 21 7.95 -27.23 24.61
C ALA A 21 7.53 -28.27 25.66
N GLU A 22 6.54 -27.93 26.48
CA GLU A 22 6.05 -28.81 27.55
C GLU A 22 5.16 -29.91 26.99
N GLY A 23 4.65 -29.72 25.78
CA GLY A 23 3.77 -30.68 25.15
C GLY A 23 4.58 -31.59 24.25
N ASP A 24 3.94 -32.61 23.67
CA ASP A 24 4.66 -33.52 22.81
C ASP A 24 4.83 -32.99 21.38
N LYS A 25 3.97 -32.06 20.97
CA LYS A 25 4.06 -31.49 19.62
C LYS A 25 3.02 -30.40 19.50
N VAL A 26 3.02 -29.71 18.38
CA VAL A 26 2.14 -28.56 18.18
C VAL A 26 1.25 -28.69 16.95
N ILE A 27 -0.05 -28.51 17.13
CA ILE A 27 -0.96 -28.52 16.00
C ILE A 27 -1.59 -27.15 15.90
N ILE A 28 -1.53 -26.55 14.72
CA ILE A 28 -1.98 -25.17 14.54
C ILE A 28 -3.17 -25.08 13.60
N MET A 29 -4.20 -24.34 14.00
CA MET A 29 -5.39 -24.13 13.18
C MET A 29 -5.87 -22.70 13.24
N GLY A 30 -6.36 -22.18 12.11
CA GLY A 30 -7.08 -20.93 12.09
C GLY A 30 -8.57 -21.16 11.91
N HIS A 31 -9.23 -20.23 11.24
CA HIS A 31 -10.66 -20.31 11.02
C HIS A 31 -11.04 -21.03 9.71
N LYS A 32 -12.31 -21.41 9.58
CA LYS A 32 -12.78 -22.08 8.36
C LYS A 32 -12.59 -21.14 7.18
N ARG A 33 -12.34 -21.70 5.99
CA ARG A 33 -12.08 -20.91 4.82
C ARG A 33 -10.98 -19.87 5.11
N PRO A 34 -9.79 -20.37 5.48
CA PRO A 34 -8.75 -19.48 6.01
C PRO A 34 -8.27 -18.48 4.97
N ASP A 35 -8.09 -17.22 5.39
CA ASP A 35 -7.49 -16.22 4.52
C ASP A 35 -5.99 -16.17 4.79
N LEU A 36 -5.30 -15.21 4.19
CA LEU A 36 -3.85 -15.21 4.26
C LEU A 36 -3.30 -14.78 5.62
N ASP A 37 -4.07 -14.03 6.41
CA ASP A 37 -3.63 -13.74 7.77
C ASP A 37 -3.65 -15.02 8.59
N ALA A 38 -4.72 -15.80 8.47
CA ALA A 38 -4.83 -17.05 9.21
C ALA A 38 -3.67 -17.97 8.82
N ILE A 39 -3.41 -18.08 7.52
CA ILE A 39 -2.38 -18.98 7.07
C ILE A 39 -0.97 -18.41 7.41
N GLY A 40 -0.78 -17.11 7.23
CA GLY A 40 0.50 -16.49 7.58
C GLY A 40 0.80 -16.63 9.07
N ALA A 41 -0.18 -16.29 9.90
CA ALA A 41 -0.04 -16.49 11.34
C ALA A 41 0.36 -17.93 11.66
N ALA A 42 -0.30 -18.90 11.02
CA ALA A 42 -0.04 -20.31 11.30
C ALA A 42 1.37 -20.71 10.91
N ILE A 43 1.76 -20.29 9.71
CA ILE A 43 3.13 -20.45 9.27
C ILE A 43 4.09 -19.86 10.30
N GLY A 44 3.81 -18.62 10.72
CA GLY A 44 4.57 -17.98 11.77
C GLY A 44 4.71 -18.80 13.04
N VAL A 45 3.61 -19.39 13.51
CA VAL A 45 3.69 -20.20 14.72
C VAL A 45 4.53 -21.46 14.50
N SER A 46 4.45 -22.03 13.30
CA SER A 46 5.19 -23.25 13.06
C SER A 46 6.68 -22.90 12.99
N ARG A 47 7.02 -21.72 12.45
CA ARG A 47 8.41 -21.29 12.48
C ARG A 47 8.82 -21.04 13.93
N PHE A 48 7.92 -20.48 14.73
CA PHE A 48 8.16 -20.28 16.15
C PHE A 48 8.54 -21.62 16.81
N ALA A 49 7.81 -22.67 16.46
CA ALA A 49 8.07 -23.98 17.05
C ALA A 49 9.43 -24.49 16.60
N MET A 50 9.72 -24.34 15.31
CA MET A 50 10.97 -24.83 14.71
C MET A 50 12.22 -24.10 15.19
N MET A 51 12.10 -22.82 15.53
CA MET A 51 13.23 -22.09 16.09
C MET A 51 13.69 -22.71 17.41
N ASN A 52 12.77 -23.44 18.04
CA ASN A 52 13.05 -24.15 19.28
C ASN A 52 13.13 -25.65 19.09
N ASN A 53 13.29 -26.08 17.85
CA ASN A 53 13.38 -27.50 17.52
C ASN A 53 12.21 -28.33 18.01
N LEU A 54 11.01 -27.77 17.95
CA LEU A 54 9.80 -28.50 18.31
C LEU A 54 9.11 -28.95 17.04
N GLU A 55 8.18 -29.89 17.18
CA GLU A 55 7.54 -30.51 16.03
C GLU A 55 6.17 -29.86 15.87
N ALA A 56 5.92 -29.28 14.70
CA ALA A 56 4.69 -28.51 14.51
C ALA A 56 4.02 -28.79 13.16
N TYR A 57 2.69 -28.77 13.14
CA TYR A 57 1.93 -28.92 11.89
C TYR A 57 0.80 -27.92 11.82
N ILE A 58 0.37 -27.64 10.59
CA ILE A 58 -0.74 -26.74 10.33
C ILE A 58 -1.87 -27.52 9.70
N VAL A 59 -3.06 -27.46 10.27
CA VAL A 59 -4.18 -28.23 9.73
C VAL A 59 -4.77 -27.51 8.52
N LEU A 60 -4.86 -28.21 7.41
CA LEU A 60 -5.47 -27.68 6.20
C LEU A 60 -5.94 -28.82 5.28
N ASN A 61 -7.21 -28.79 4.89
CA ASN A 61 -7.78 -29.78 3.98
C ASN A 61 -7.96 -29.16 2.59
N GLU A 62 -7.97 -29.97 1.54
CA GLU A 62 -8.17 -29.47 0.17
C GLU A 62 -9.42 -28.60 0.03
N THR A 63 -10.46 -28.94 0.78
CA THR A 63 -11.72 -28.22 0.69
C THR A 63 -11.68 -26.87 1.43
N ASP A 64 -10.61 -26.64 2.19
CA ASP A 64 -10.42 -25.37 2.87
C ASP A 64 -9.70 -24.35 1.97
N ILE A 65 -9.20 -24.80 0.83
CA ILE A 65 -8.29 -23.99 0.03
C ILE A 65 -8.98 -23.19 -1.09
N ASP A 66 -9.26 -21.92 -0.83
CA ASP A 66 -9.92 -21.08 -1.82
C ASP A 66 -8.95 -20.62 -2.93
N PRO A 67 -9.43 -19.87 -3.93
CA PRO A 67 -8.53 -19.52 -5.03
C PRO A 67 -7.31 -18.67 -4.63
N THR A 68 -7.46 -17.70 -3.75
CA THR A 68 -6.30 -16.97 -3.26
C THR A 68 -5.31 -17.92 -2.59
N LEU A 69 -5.79 -18.73 -1.65
CA LEU A 69 -4.90 -19.64 -0.95
C LEU A 69 -4.30 -20.66 -1.91
N ARG A 70 -5.02 -21.01 -2.98
CA ARG A 70 -4.48 -21.98 -3.92
C ARG A 70 -3.24 -21.43 -4.65
N ARG A 71 -3.18 -20.11 -4.84
CA ARG A 71 -2.01 -19.53 -5.48
C ARG A 71 -0.83 -19.59 -4.53
N VAL A 72 -1.11 -19.38 -3.25
CA VAL A 72 -0.07 -19.51 -2.24
C VAL A 72 0.45 -20.93 -2.16
N MET A 73 -0.47 -21.90 -2.16
CA MET A 73 -0.07 -23.31 -2.06
C MET A 73 0.70 -23.81 -3.28
N ASN A 74 0.31 -23.36 -4.47
CA ASN A 74 1.08 -23.69 -5.68
C ASN A 74 2.52 -23.24 -5.55
N GLU A 75 2.72 -22.04 -5.04
CA GLU A 75 4.04 -21.49 -4.83
C GLU A 75 4.77 -22.32 -3.79
N ILE A 76 4.06 -22.70 -2.73
CA ILE A 76 4.66 -23.53 -1.70
C ILE A 76 5.11 -24.91 -2.22
N ASP A 77 4.30 -25.53 -3.07
CA ASP A 77 4.66 -26.81 -3.67
C ASP A 77 5.90 -26.68 -4.57
N LYS A 78 5.87 -25.67 -5.44
CA LYS A 78 6.85 -25.51 -6.51
C LYS A 78 8.24 -25.06 -6.02
N LYS A 79 8.27 -24.27 -4.95
CA LYS A 79 9.50 -23.56 -4.55
C LYS A 79 10.05 -23.74 -3.13
N PRO A 80 9.29 -24.38 -2.21
CA PRO A 80 9.97 -24.87 -1.02
C PRO A 80 9.58 -26.26 -0.59
N GLU A 81 9.86 -26.53 0.69
CA GLU A 81 9.50 -27.76 1.37
C GLU A 81 8.48 -27.44 2.47
N LEU A 82 7.72 -26.36 2.30
CA LEU A 82 6.76 -25.92 3.31
C LEU A 82 5.56 -26.86 3.37
N ARG A 83 5.25 -27.49 2.25
CA ARG A 83 4.08 -28.37 2.15
C ARG A 83 4.07 -29.48 3.22
N GLU A 84 5.25 -29.93 3.63
CA GLU A 84 5.34 -31.01 4.62
C GLU A 84 4.72 -30.68 5.98
N ARG A 85 4.56 -29.39 6.29
CA ARG A 85 3.98 -28.99 7.57
C ARG A 85 2.47 -29.01 7.60
N PHE A 86 1.85 -29.02 6.43
CA PHE A 86 0.40 -28.94 6.33
C PHE A 86 -0.19 -30.34 6.34
N ILE A 87 -1.15 -30.59 7.22
CA ILE A 87 -1.74 -31.93 7.32
C ILE A 87 -3.25 -31.81 7.36
N THR A 88 -3.96 -32.85 6.92
CA THR A 88 -5.41 -32.88 6.96
C THR A 88 -5.94 -33.00 8.40
N SER A 89 -7.23 -32.71 8.58
CA SER A 89 -7.89 -32.91 9.87
C SER A 89 -7.66 -34.32 10.40
N ASP A 90 -7.93 -35.33 9.56
CA ASP A 90 -7.81 -36.73 9.97
C ASP A 90 -6.41 -37.04 10.48
N ASP A 91 -5.39 -36.64 9.72
CA ASP A 91 -4.04 -36.89 10.15
C ASP A 91 -3.76 -36.15 11.46
N ALA A 92 -4.36 -34.97 11.61
CA ALA A 92 -4.21 -34.20 12.83
C ALA A 92 -4.75 -35.02 14.00
N TRP A 93 -6.04 -35.36 13.92
CA TRP A 93 -6.69 -36.23 14.90
C TRP A 93 -5.82 -37.43 15.30
N ASP A 94 -5.42 -38.24 14.33
CA ASP A 94 -4.67 -39.45 14.61
C ASP A 94 -3.39 -39.20 15.38
N MET A 95 -2.82 -38.02 15.17
CA MET A 95 -1.48 -37.71 15.66
C MET A 95 -1.49 -37.10 17.09
N MET A 96 -2.61 -36.51 17.47
CA MET A 96 -2.75 -35.85 18.76
C MET A 96 -2.74 -36.80 19.95
N THR A 97 -2.26 -36.30 21.09
CA THR A 97 -2.38 -36.98 22.38
C THR A 97 -2.78 -35.91 23.38
N SER A 98 -3.04 -36.31 24.61
CA SER A 98 -3.44 -35.38 25.66
C SER A 98 -2.34 -34.37 25.94
N LYS A 99 -1.12 -34.67 25.50
CA LYS A 99 0.01 -33.75 25.66
C LYS A 99 0.30 -32.91 24.41
N THR A 100 -0.58 -32.95 23.42
CA THR A 100 -0.43 -32.12 22.23
C THR A 100 -1.03 -30.75 22.46
N THR A 101 -0.26 -29.70 22.16
CA THR A 101 -0.76 -28.34 22.23
C THR A 101 -1.33 -27.88 20.90
N VAL A 102 -2.58 -27.45 20.94
CA VAL A 102 -3.24 -26.89 19.77
C VAL A 102 -3.22 -25.39 19.90
N VAL A 103 -2.72 -24.71 18.87
CA VAL A 103 -2.71 -23.27 18.85
C VAL A 103 -3.71 -22.79 17.82
N ILE A 104 -4.64 -21.96 18.27
CA ILE A 104 -5.65 -21.37 17.41
C ILE A 104 -5.24 -19.95 17.09
N VAL A 105 -5.16 -19.64 15.80
CA VAL A 105 -4.77 -18.30 15.34
C VAL A 105 -5.87 -17.62 14.55
N ASP A 106 -6.04 -16.32 14.81
CA ASP A 106 -6.87 -15.45 14.00
C ASP A 106 -8.37 -15.75 14.13
N THR A 107 -8.71 -16.45 15.19
CA THR A 107 -10.09 -16.56 15.62
C THR A 107 -10.08 -16.98 17.09
N HIS A 108 -11.22 -16.84 17.77
CA HIS A 108 -11.32 -17.31 19.16
C HIS A 108 -12.67 -18.00 19.46
N LYS A 109 -13.51 -18.16 18.45
CA LYS A 109 -14.81 -18.80 18.62
C LYS A 109 -14.72 -20.24 18.18
N PRO A 110 -15.08 -21.17 19.08
CA PRO A 110 -14.96 -22.59 18.77
C PRO A 110 -15.66 -22.96 17.46
N GLU A 111 -16.80 -22.34 17.19
CA GLU A 111 -17.60 -22.72 16.02
C GLU A 111 -16.99 -22.22 14.70
N LEU A 112 -16.04 -21.29 14.80
CA LEU A 112 -15.35 -20.78 13.62
C LEU A 112 -14.02 -21.48 13.36
N VAL A 113 -13.60 -22.33 14.29
CA VAL A 113 -12.32 -23.01 14.17
C VAL A 113 -12.38 -23.97 12.99
N LEU A 114 -11.25 -24.15 12.33
CA LEU A 114 -11.19 -24.94 11.10
C LEU A 114 -11.75 -26.35 11.29
N ASP A 115 -11.33 -27.03 12.34
CA ASP A 115 -11.86 -28.36 12.66
C ASP A 115 -12.17 -28.43 14.16
N GLU A 116 -13.45 -28.41 14.49
CA GLU A 116 -13.84 -28.33 15.88
C GLU A 116 -13.59 -29.62 16.65
N ASN A 117 -13.51 -30.74 15.93
CA ASN A 117 -13.21 -32.04 16.53
C ASN A 117 -11.78 -32.09 17.01
N VAL A 118 -10.87 -31.51 16.23
CA VAL A 118 -9.49 -31.46 16.62
C VAL A 118 -9.41 -30.58 17.85
N LEU A 119 -10.12 -29.46 17.81
CA LEU A 119 -10.17 -28.55 18.94
C LEU A 119 -10.71 -29.24 20.20
N ASN A 120 -11.79 -30.00 20.06
CA ASN A 120 -12.43 -30.63 21.22
C ASN A 120 -11.57 -31.72 21.85
N LYS A 121 -10.76 -32.38 21.01
CA LYS A 121 -9.87 -33.43 21.47
C LYS A 121 -8.66 -32.87 22.22
N ALA A 122 -8.33 -31.60 21.95
CA ALA A 122 -7.17 -30.97 22.58
C ALA A 122 -7.41 -30.69 24.06
N ASN A 123 -6.48 -31.16 24.89
CA ASN A 123 -6.45 -30.82 26.30
C ASN A 123 -5.66 -29.50 26.52
N ARG A 124 -4.68 -29.26 25.65
CA ARG A 124 -3.86 -28.06 25.72
C ARG A 124 -4.10 -27.10 24.55
N LYS A 125 -4.59 -25.90 24.84
CA LYS A 125 -4.95 -24.92 23.83
C LYS A 125 -4.28 -23.56 24.05
N VAL A 126 -3.99 -22.88 22.94
CA VAL A 126 -3.48 -21.52 22.97
C VAL A 126 -4.26 -20.69 21.97
N VAL A 127 -4.62 -19.46 22.33
CA VAL A 127 -5.38 -18.62 21.43
C VAL A 127 -4.58 -17.35 21.18
N ILE A 128 -4.41 -17.00 19.91
CA ILE A 128 -3.76 -15.76 19.47
C ILE A 128 -4.66 -15.09 18.43
N ASP A 129 -5.10 -13.86 18.69
CA ASP A 129 -6.06 -13.22 17.81
C ASP A 129 -6.05 -11.72 18.03
N HIS A 130 -6.58 -10.96 17.08
CA HIS A 130 -6.55 -9.50 17.14
C HIS A 130 -7.96 -8.89 17.11
N HIS A 131 -8.94 -9.65 17.58
CA HIS A 131 -10.26 -9.09 17.76
C HIS A 131 -10.55 -9.10 19.25
N ARG A 132 -11.60 -8.39 19.67
CA ARG A 132 -11.95 -8.42 21.09
C ARG A 132 -12.78 -9.66 21.40
N ARG A 133 -12.62 -10.19 22.61
CA ARG A 133 -13.38 -11.36 23.04
C ARG A 133 -14.87 -11.25 22.69
N GLY A 134 -15.46 -12.35 22.22
CA GLY A 134 -16.87 -12.38 21.88
C GLY A 134 -17.68 -13.23 22.85
N GLU A 135 -18.90 -13.57 22.44
CA GLU A 135 -19.75 -14.43 23.27
C GLU A 135 -19.11 -15.80 23.44
N SER A 136 -18.95 -16.49 22.33
CA SER A 136 -18.22 -17.74 22.31
C SER A 136 -16.74 -17.47 22.57
N PHE A 137 -16.06 -18.42 23.20
CA PHE A 137 -14.62 -18.33 23.36
C PHE A 137 -14.02 -19.71 23.58
N ILE A 138 -12.80 -19.91 23.08
CA ILE A 138 -12.10 -21.17 23.27
C ILE A 138 -12.10 -21.51 24.75
N SER A 139 -12.38 -22.76 25.07
CA SER A 139 -12.53 -23.18 26.46
C SER A 139 -11.20 -23.48 27.15
N ASN A 140 -11.02 -22.91 28.33
CA ASN A 140 -9.90 -23.31 29.18
C ASN A 140 -8.54 -23.29 28.46
N PRO A 141 -8.17 -22.15 27.86
CA PRO A 141 -6.87 -22.08 27.20
C PRO A 141 -5.71 -21.92 28.18
N LEU A 142 -4.60 -22.60 27.93
CA LEU A 142 -3.39 -22.37 28.71
C LEU A 142 -2.87 -20.96 28.54
N LEU A 143 -3.16 -20.32 27.42
CA LEU A 143 -2.64 -18.98 27.16
C LEU A 143 -3.48 -18.25 26.14
N ILE A 144 -3.86 -17.03 26.49
CA ILE A 144 -4.70 -16.19 25.66
C ILE A 144 -3.91 -14.93 25.32
N TYR A 145 -3.72 -14.68 24.02
CA TYR A 145 -3.06 -13.47 23.54
C TYR A 145 -3.97 -12.74 22.56
N MET A 146 -4.77 -11.82 23.09
CA MET A 146 -5.80 -11.10 22.32
C MET A 146 -5.45 -9.64 22.28
N GLU A 147 -5.21 -9.11 21.08
CA GLU A 147 -4.87 -7.70 20.94
C GLU A 147 -5.70 -7.01 19.87
N PRO A 148 -6.83 -6.41 20.28
CA PRO A 148 -7.83 -5.80 19.40
C PRO A 148 -7.28 -4.69 18.52
N TYR A 149 -6.20 -4.04 18.96
CA TYR A 149 -5.68 -2.91 18.20
C TYR A 149 -4.56 -3.27 17.21
N ALA A 150 -4.13 -4.53 17.20
CA ALA A 150 -3.13 -5.00 16.24
C ALA A 150 -3.76 -5.15 14.85
N SER A 151 -2.98 -4.97 13.80
CA SER A 151 -3.53 -5.05 12.43
C SER A 151 -4.05 -6.43 12.08
N SER A 152 -3.43 -7.46 12.66
CA SER A 152 -3.57 -8.80 12.14
C SER A 152 -2.93 -9.77 13.10
N THR A 153 -3.22 -11.06 12.91
CA THR A 153 -2.56 -12.05 13.73
C THR A 153 -1.11 -12.20 13.27
N ALA A 154 -0.86 -11.98 11.97
CA ALA A 154 0.51 -12.08 11.46
C ALA A 154 1.42 -11.10 12.18
N GLU A 155 0.93 -9.88 12.37
CA GLU A 155 1.70 -8.88 13.11
C GLU A 155 2.02 -9.36 14.53
N LEU A 156 1.02 -9.90 15.23
CA LEU A 156 1.19 -10.40 16.61
C LEU A 156 2.22 -11.52 16.67
N VAL A 157 2.13 -12.47 15.75
CA VAL A 157 3.07 -13.58 15.71
C VAL A 157 4.50 -13.14 15.33
N THR A 158 4.59 -12.18 14.41
CA THR A 158 5.89 -11.68 13.98
C THR A 158 6.66 -11.13 15.20
N GLU A 159 5.97 -10.38 16.04
CA GLU A 159 6.61 -9.80 17.23
C GLU A 159 7.14 -10.89 18.13
N LEU A 160 6.38 -11.98 18.28
CA LEU A 160 6.79 -13.06 19.16
C LEU A 160 8.06 -13.74 18.65
N LEU A 161 8.23 -13.78 17.32
CA LEU A 161 9.40 -14.43 16.72
C LEU A 161 10.68 -13.73 17.15
N GLU A 162 10.61 -12.41 17.29
CA GLU A 162 11.81 -11.62 17.54
C GLU A 162 12.52 -11.95 18.83
N TYR A 163 11.86 -12.68 19.72
CA TYR A 163 12.44 -12.99 21.02
C TYR A 163 13.05 -14.37 21.07
N GLN A 164 12.91 -15.12 19.98
CA GLN A 164 13.29 -16.54 19.96
C GLN A 164 14.65 -16.73 19.31
N PRO A 165 15.29 -17.89 19.54
CA PRO A 165 16.60 -18.17 18.94
C PRO A 165 16.56 -18.01 17.41
N THR A 166 17.67 -17.54 16.86
CA THR A 166 17.71 -17.08 15.47
C THR A 166 18.37 -18.06 14.51
N GLU A 167 18.89 -19.15 15.04
CA GLU A 167 19.56 -20.14 14.20
C GLU A 167 18.66 -20.65 13.05
N GLN A 168 17.45 -21.09 13.38
CA GLN A 168 16.52 -21.60 12.35
C GLN A 168 15.61 -20.48 11.83
N ARG A 169 16.17 -19.58 11.03
CA ARG A 169 15.49 -18.35 10.63
C ARG A 169 14.25 -18.52 9.76
N LEU A 170 13.30 -17.59 9.90
CA LEU A 170 12.17 -17.46 9.01
C LEU A 170 12.67 -17.47 7.56
N THR A 171 12.09 -18.28 6.67
CA THR A 171 12.54 -18.30 5.28
C THR A 171 11.91 -17.14 4.47
N ARG A 172 12.42 -16.92 3.28
CA ARG A 172 11.82 -15.95 2.36
C ARG A 172 10.31 -16.21 2.12
N LEU A 173 9.94 -17.42 1.77
CA LEU A 173 8.54 -17.67 1.43
C LEU A 173 7.65 -17.58 2.67
N GLU A 174 8.12 -18.05 3.82
CA GLU A 174 7.31 -17.97 5.03
C GLU A 174 7.04 -16.50 5.36
N SER A 175 8.06 -15.66 5.25
CA SER A 175 7.87 -14.26 5.60
C SER A 175 6.98 -13.57 4.57
N THR A 176 7.03 -14.02 3.33
CA THR A 176 6.16 -13.48 2.28
C THR A 176 4.68 -13.73 2.58
N VAL A 177 4.34 -14.95 2.99
CA VAL A 177 2.94 -15.23 3.34
C VAL A 177 2.51 -14.46 4.61
N MET A 178 3.39 -14.37 5.60
CA MET A 178 3.08 -13.57 6.78
C MET A 178 2.82 -12.12 6.37
N TYR A 179 3.65 -11.62 5.47
CA TYR A 179 3.52 -10.26 4.96
C TYR A 179 2.19 -10.07 4.19
N ALA A 180 1.88 -11.01 3.30
CA ALA A 180 0.64 -10.95 2.53
C ALA A 180 -0.57 -10.86 3.45
N GLY A 181 -0.53 -11.60 4.55
CA GLY A 181 -1.61 -11.55 5.54
C GLY A 181 -1.77 -10.17 6.13
N ILE A 182 -0.67 -9.51 6.42
CA ILE A 182 -0.75 -8.14 6.91
C ILE A 182 -1.32 -7.21 5.84
N ILE A 183 -0.81 -7.34 4.61
CA ILE A 183 -1.32 -6.56 3.49
C ILE A 183 -2.84 -6.69 3.35
N VAL A 184 -3.36 -7.91 3.48
CA VAL A 184 -4.80 -8.13 3.31
C VAL A 184 -5.60 -7.49 4.45
N ASP A 185 -5.23 -7.80 5.68
CA ASP A 185 -5.95 -7.27 6.83
C ASP A 185 -5.88 -5.75 6.94
N THR A 186 -4.85 -5.13 6.40
CA THR A 186 -4.70 -3.68 6.49
C THR A 186 -5.12 -2.93 5.22
N ARG A 187 -5.46 -3.64 4.17
CA ARG A 187 -5.74 -3.00 2.90
C ARG A 187 -4.53 -2.17 2.50
N ASN A 188 -3.39 -2.83 2.46
CA ASN A 188 -2.12 -2.25 2.05
C ASN A 188 -1.79 -1.05 2.94
N PHE A 189 -1.83 -1.26 4.25
CA PHE A 189 -1.37 -0.27 5.22
C PHE A 189 -2.27 0.98 5.30
N THR A 190 -3.54 0.85 4.92
CA THR A 190 -4.48 1.96 5.04
C THR A 190 -5.45 1.84 6.24
N LEU A 191 -5.51 0.66 6.86
CA LEU A 191 -6.42 0.40 7.98
C LEU A 191 -5.69 -0.28 9.13
N ARG A 192 -6.03 0.10 10.36
CA ARG A 192 -5.50 -0.57 11.55
C ARG A 192 -3.99 -0.71 11.53
N THR A 193 -3.30 0.31 11.03
CA THR A 193 -1.88 0.25 10.84
C THR A 193 -1.17 1.19 11.81
N GLY A 194 -0.47 0.62 12.79
CA GLY A 194 0.23 1.40 13.78
C GLY A 194 1.71 1.26 13.53
N SER A 195 2.53 1.94 14.33
CA SER A 195 3.97 1.84 14.16
C SER A 195 4.43 0.38 14.31
N ARG A 196 3.77 -0.38 15.20
CA ARG A 196 4.15 -1.77 15.41
C ARG A 196 3.87 -2.64 14.17
N THR A 197 2.86 -2.26 13.39
CA THR A 197 2.55 -2.95 12.14
C THR A 197 3.74 -2.82 11.20
N PHE A 198 4.27 -1.60 11.10
CA PHE A 198 5.44 -1.32 10.30
C PHE A 198 6.70 -1.99 10.86
N ASP A 199 6.79 -2.10 12.19
CA ASP A 199 7.89 -2.84 12.80
C ASP A 199 7.86 -4.30 12.34
N ALA A 200 6.68 -4.90 12.35
CA ALA A 200 6.53 -6.26 11.85
C ALA A 200 6.85 -6.34 10.34
N ALA A 201 6.34 -5.40 9.55
CA ALA A 201 6.66 -5.35 8.12
C ALA A 201 8.17 -5.26 7.88
N SER A 202 8.85 -4.47 8.69
CA SER A 202 10.33 -4.39 8.60
C SER A 202 11.00 -5.76 8.84
N TYR A 203 10.61 -6.42 9.93
CA TYR A 203 11.20 -7.71 10.27
C TYR A 203 11.00 -8.67 9.10
N LEU A 204 9.80 -8.70 8.55
CA LEU A 204 9.48 -9.67 7.51
C LEU A 204 10.24 -9.40 6.21
N ARG A 205 10.34 -8.12 5.86
CA ARG A 205 11.04 -7.71 4.65
C ARG A 205 12.54 -8.00 4.85
N ALA A 206 13.04 -7.78 6.05
CA ALA A 206 14.41 -8.12 6.36
C ALA A 206 14.67 -9.61 6.11
N HIS A 207 13.67 -10.44 6.36
CA HIS A 207 13.81 -11.89 6.11
C HIS A 207 13.37 -12.31 4.71
N GLY A 208 13.31 -11.35 3.79
CA GLY A 208 13.01 -11.66 2.40
C GLY A 208 11.56 -11.60 1.92
N ALA A 209 10.65 -11.04 2.72
CA ALA A 209 9.26 -10.96 2.29
C ALA A 209 9.19 -10.31 0.90
N ASP A 210 8.54 -10.98 -0.04
CA ASP A 210 8.52 -10.55 -1.43
C ASP A 210 7.25 -9.75 -1.75
N THR A 211 7.39 -8.43 -1.88
CA THR A 211 6.23 -7.58 -2.16
C THR A 211 5.60 -7.86 -3.52
N ILE A 212 6.42 -8.31 -4.46
CA ILE A 212 5.95 -8.58 -5.81
C ILE A 212 5.12 -9.85 -5.86
N LEU A 213 5.66 -10.90 -5.23
CA LEU A 213 4.93 -12.15 -5.10
C LEU A 213 3.63 -11.91 -4.35
N THR A 214 3.65 -11.05 -3.33
CA THR A 214 2.45 -10.74 -2.56
C THR A 214 1.37 -10.13 -3.46
N GLN A 215 1.78 -9.17 -4.29
CA GLN A 215 0.85 -8.56 -5.24
C GLN A 215 0.27 -9.64 -6.11
N HIS A 216 1.12 -10.60 -6.50
CA HIS A 216 0.70 -11.66 -7.38
C HIS A 216 -0.42 -12.51 -6.77
N PHE A 217 -0.27 -12.88 -5.51
CA PHE A 217 -1.29 -13.68 -4.81
C PHE A 217 -2.66 -13.01 -4.86
N LEU A 218 -2.66 -11.68 -4.91
CA LEU A 218 -3.86 -10.88 -4.67
C LEU A 218 -4.50 -10.18 -5.89
N LYS A 219 -4.00 -10.45 -7.10
CA LYS A 219 -4.50 -9.76 -8.29
C LYS A 219 -5.97 -10.10 -8.58
N ASP A 220 -6.78 -9.08 -8.86
CA ASP A 220 -8.17 -9.31 -9.26
C ASP A 220 -8.19 -9.68 -10.73
N ASP A 221 -9.27 -10.27 -11.22
CA ASP A 221 -9.32 -10.58 -12.65
C ASP A 221 -9.98 -9.50 -13.49
N VAL A 222 -9.89 -9.65 -14.81
CA VAL A 222 -10.35 -8.65 -15.74
C VAL A 222 -11.85 -8.39 -15.61
N ASP A 223 -12.61 -9.46 -15.44
CA ASP A 223 -14.07 -9.34 -15.37
C ASP A 223 -14.48 -8.54 -14.15
N THR A 224 -13.75 -8.71 -13.06
CA THR A 224 -14.07 -7.97 -11.85
C THR A 224 -13.79 -6.50 -12.04
N TYR A 225 -12.65 -6.18 -12.65
CA TYR A 225 -12.34 -4.79 -12.92
C TYR A 225 -13.41 -4.16 -13.80
N ILE A 226 -13.84 -4.90 -14.80
CA ILE A 226 -14.81 -4.39 -15.76
C ILE A 226 -16.17 -4.16 -15.11
N ASN A 227 -16.69 -5.17 -14.41
CA ASN A 227 -17.96 -5.04 -13.72
C ASN A 227 -17.92 -3.88 -12.74
N ARG A 228 -16.83 -3.82 -11.98
CA ARG A 228 -16.62 -2.75 -11.01
C ARG A 228 -16.63 -1.36 -11.68
N SER A 229 -15.90 -1.19 -12.77
CA SER A 229 -15.81 0.14 -13.40
C SER A 229 -17.14 0.55 -14.01
N GLU A 230 -17.92 -0.46 -14.42
CA GLU A 230 -19.28 -0.27 -14.87
C GLU A 230 -20.11 0.47 -13.81
N LEU A 231 -19.90 0.12 -12.54
CA LEU A 231 -20.57 0.82 -11.43
C LEU A 231 -19.97 2.21 -11.21
N ILE A 232 -18.65 2.26 -11.07
CA ILE A 232 -17.95 3.52 -10.81
C ILE A 232 -18.26 4.60 -11.83
N ARG A 233 -18.36 4.20 -13.10
CA ARG A 233 -18.57 5.13 -14.20
C ARG A 233 -19.79 6.03 -13.97
N THR A 234 -20.76 5.54 -13.21
CA THR A 234 -22.03 6.24 -13.06
C THR A 234 -22.01 7.27 -11.92
N VAL A 235 -20.91 7.37 -11.20
CA VAL A 235 -20.89 8.12 -9.94
C VAL A 235 -21.32 9.59 -10.09
N LYS A 236 -22.10 10.06 -9.13
CA LYS A 236 -22.53 11.46 -9.07
C LYS A 236 -22.08 12.00 -7.72
N VAL A 237 -21.17 12.97 -7.75
CA VAL A 237 -20.59 13.50 -6.51
C VAL A 237 -21.23 14.84 -6.12
N GLU A 238 -21.85 14.89 -4.96
CA GLU A 238 -22.40 16.15 -4.45
C GLU A 238 -21.30 17.02 -3.88
N ASP A 239 -21.62 18.28 -3.66
CA ASP A 239 -20.63 19.24 -3.14
C ASP A 239 -20.20 18.89 -1.73
N ASN A 240 -21.03 18.12 -1.02
CA ASN A 240 -20.71 17.78 0.36
C ASN A 240 -19.85 16.53 0.46
N GLY A 241 -19.45 15.97 -0.69
CA GLY A 241 -18.59 14.80 -0.68
C GLY A 241 -19.34 13.48 -0.67
N ILE A 242 -20.66 13.55 -0.84
CA ILE A 242 -21.51 12.36 -0.91
C ILE A 242 -21.56 11.91 -2.35
N ALA A 243 -21.15 10.66 -2.59
CA ALA A 243 -21.16 10.13 -3.95
C ALA A 243 -22.12 8.94 -4.06
N ILE A 244 -22.99 8.99 -5.06
CA ILE A 244 -23.84 7.85 -5.33
C ILE A 244 -23.55 7.28 -6.72
N ALA A 245 -23.45 5.95 -6.79
CA ALA A 245 -23.26 5.26 -8.06
C ALA A 245 -24.23 4.09 -8.11
N HIS A 246 -24.54 3.59 -9.30
CA HIS A 246 -25.53 2.53 -9.40
C HIS A 246 -25.44 1.63 -10.65
N GLY A 247 -26.06 0.46 -10.57
CA GLY A 247 -26.19 -0.41 -11.72
C GLY A 247 -27.58 -0.22 -12.32
N SER A 248 -27.75 -0.61 -13.58
CA SER A 248 -29.08 -0.55 -14.19
C SER A 248 -30.02 -1.42 -13.37
N ASP A 249 -31.30 -1.06 -13.37
CA ASP A 249 -32.32 -1.84 -12.68
C ASP A 249 -32.36 -3.28 -13.22
N ASP A 250 -31.97 -3.46 -14.47
CA ASP A 250 -32.06 -4.76 -15.12
C ASP A 250 -30.76 -5.61 -15.07
N LYS A 251 -29.72 -5.14 -14.40
CA LYS A 251 -28.48 -5.91 -14.35
C LYS A 251 -28.13 -6.38 -12.94
N ILE A 252 -27.90 -7.68 -12.79
CA ILE A 252 -27.52 -8.23 -11.50
C ILE A 252 -26.00 -8.12 -11.29
N TYR A 253 -25.59 -7.57 -10.15
CA TYR A 253 -24.17 -7.49 -9.83
C TYR A 253 -23.76 -8.39 -8.67
N HIS A 254 -22.56 -8.93 -8.75
CA HIS A 254 -22.01 -9.67 -7.62
C HIS A 254 -21.84 -8.73 -6.42
N PRO A 255 -22.30 -9.16 -5.23
CA PRO A 255 -22.20 -8.38 -3.98
C PRO A 255 -20.79 -7.90 -3.68
N VAL A 256 -19.79 -8.73 -3.99
CA VAL A 256 -18.42 -8.32 -3.76
C VAL A 256 -18.03 -7.21 -4.71
N THR A 257 -18.55 -7.28 -5.94
CA THR A 257 -18.20 -6.27 -6.93
C THR A 257 -18.79 -4.92 -6.51
N VAL A 258 -19.99 -4.96 -5.94
CA VAL A 258 -20.63 -3.75 -5.42
C VAL A 258 -19.81 -3.17 -4.28
N ALA A 259 -19.40 -4.02 -3.34
CA ALA A 259 -18.55 -3.60 -2.23
C ALA A 259 -17.26 -2.96 -2.72
N GLN A 260 -16.60 -3.59 -3.68
CA GLN A 260 -15.34 -3.08 -4.23
C GLN A 260 -15.52 -1.73 -4.92
N ALA A 261 -16.57 -1.61 -5.70
CA ALA A 261 -16.91 -0.34 -6.33
C ALA A 261 -16.96 0.75 -5.27
N ALA A 262 -17.64 0.49 -4.16
CA ALA A 262 -17.78 1.49 -3.10
C ALA A 262 -16.43 1.83 -2.49
N ASP A 263 -15.59 0.81 -2.28
CA ASP A 263 -14.24 1.01 -1.78
C ASP A 263 -13.45 1.96 -2.68
N GLU A 264 -13.49 1.68 -3.99
CA GLU A 264 -12.66 2.39 -4.98
C GLU A 264 -13.02 3.86 -5.16
N LEU A 265 -14.30 4.17 -5.01
CA LEU A 265 -14.76 5.55 -5.12
C LEU A 265 -14.10 6.47 -4.08
N LEU A 266 -13.72 5.87 -2.95
CA LEU A 266 -13.00 6.62 -1.91
C LEU A 266 -11.61 7.10 -2.36
N SER A 267 -11.09 6.54 -3.45
CA SER A 267 -9.79 6.99 -3.97
C SER A 267 -9.97 8.16 -4.95
N LEU A 268 -11.19 8.62 -5.12
CA LEU A 268 -11.45 9.68 -6.09
C LEU A 268 -11.65 11.06 -5.45
N GLU A 269 -11.17 12.09 -6.14
CA GLU A 269 -11.24 13.44 -5.62
C GLU A 269 -12.67 13.88 -5.31
N GLY A 270 -12.86 14.50 -4.16
CA GLY A 270 -14.15 15.07 -3.80
C GLY A 270 -15.08 14.13 -3.04
N ILE A 271 -14.72 12.86 -2.93
CA ILE A 271 -15.63 11.88 -2.31
C ILE A 271 -15.28 11.60 -0.84
N GLU A 272 -16.18 11.98 0.06
CA GLU A 272 -16.08 11.71 1.49
C GLU A 272 -16.76 10.40 1.87
N ALA A 273 -17.90 10.14 1.23
CA ALA A 273 -18.64 8.90 1.45
C ALA A 273 -19.23 8.40 0.13
N SER A 274 -19.15 7.09 -0.08
CA SER A 274 -19.66 6.50 -1.30
C SER A 274 -20.80 5.56 -0.99
N TYR A 275 -21.82 5.58 -1.83
CA TYR A 275 -22.91 4.63 -1.75
C TYR A 275 -23.13 4.05 -3.13
N VAL A 276 -23.03 2.72 -3.24
CA VAL A 276 -23.26 2.05 -4.52
C VAL A 276 -24.51 1.17 -4.47
N VAL A 277 -25.41 1.39 -5.43
CA VAL A 277 -26.74 0.79 -5.43
C VAL A 277 -26.91 -0.08 -6.67
N ALA A 278 -27.17 -1.37 -6.48
CA ALA A 278 -27.24 -2.30 -7.60
C ALA A 278 -28.10 -3.53 -7.30
N ARG A 279 -28.79 -4.02 -8.31
CA ARG A 279 -29.63 -5.20 -8.11
C ARG A 279 -28.80 -6.43 -7.72
N ARG A 280 -29.26 -7.12 -6.68
CA ARG A 280 -28.59 -8.29 -6.16
C ARG A 280 -29.35 -9.56 -6.51
N GLU A 281 -30.68 -9.45 -6.58
CA GLU A 281 -31.55 -10.57 -6.94
C GLU A 281 -32.75 -10.03 -7.68
N ASP A 282 -33.55 -10.93 -8.23
CA ASP A 282 -34.77 -10.56 -8.95
C ASP A 282 -35.66 -9.63 -8.14
N ASN A 283 -35.57 -9.75 -6.81
CA ASN A 283 -36.44 -9.00 -5.90
C ASN A 283 -35.66 -8.34 -4.75
N LEU A 284 -34.37 -8.06 -4.99
CA LEU A 284 -33.55 -7.47 -3.93
C LEU A 284 -32.51 -6.49 -4.48
N ILE A 285 -32.44 -5.30 -3.88
CA ILE A 285 -31.43 -4.31 -4.22
C ILE A 285 -30.41 -4.26 -3.10
N GLY A 286 -29.12 -4.24 -3.45
CA GLY A 286 -28.08 -4.16 -2.45
C GLY A 286 -27.47 -2.77 -2.45
N ILE A 287 -27.08 -2.30 -1.27
CA ILE A 287 -26.31 -1.06 -1.20
C ILE A 287 -25.08 -1.30 -0.35
N SER A 288 -23.90 -0.92 -0.86
CA SER A 288 -22.70 -0.89 -0.03
C SER A 288 -22.27 0.56 0.20
N ALA A 289 -21.91 0.90 1.43
CA ALA A 289 -21.53 2.27 1.75
C ALA A 289 -20.17 2.28 2.43
N ARG A 290 -19.37 3.28 2.08
CA ARG A 290 -18.04 3.43 2.66
C ARG A 290 -17.76 4.89 2.95
N SER A 291 -16.84 5.16 3.86
CA SER A 291 -16.47 6.55 4.08
C SER A 291 -15.06 6.68 4.66
N LEU A 292 -14.50 7.88 4.54
CA LEU A 292 -13.16 8.16 5.07
C LEU A 292 -13.24 8.71 6.50
N GLY A 293 -14.36 8.48 7.17
CA GLY A 293 -14.47 8.78 8.59
C GLY A 293 -15.24 10.02 8.99
N SER A 294 -15.52 10.90 8.04
CA SER A 294 -16.26 12.12 8.36
C SER A 294 -17.76 11.90 8.36
N VAL A 295 -18.22 11.10 7.41
CA VAL A 295 -19.64 10.79 7.30
C VAL A 295 -19.87 9.38 7.85
N ASN A 296 -20.89 9.22 8.68
CA ASN A 296 -21.14 7.91 9.31
C ASN A 296 -22.14 7.10 8.49
N VAL A 297 -21.64 6.09 7.78
CA VAL A 297 -22.46 5.29 6.87
C VAL A 297 -23.22 4.17 7.59
N GLN A 298 -22.76 3.83 8.80
CA GLN A 298 -23.54 2.92 9.64
C GLN A 298 -24.92 3.53 9.84
N LEU A 299 -24.92 4.80 10.22
CA LEU A 299 -26.14 5.55 10.43
C LEU A 299 -27.02 5.55 9.19
N THR A 300 -26.45 5.82 8.01
CA THR A 300 -27.24 5.84 6.78
C THR A 300 -27.89 4.48 6.49
N MET A 301 -27.13 3.41 6.64
CA MET A 301 -27.62 2.08 6.31
C MET A 301 -28.62 1.57 7.36
N GLU A 302 -28.40 1.93 8.63
CA GLU A 302 -29.36 1.56 9.69
C GLU A 302 -30.70 2.24 9.43
N ALA A 303 -30.67 3.46 8.89
CA ALA A 303 -31.91 4.16 8.55
C ALA A 303 -32.63 3.48 7.41
N LEU A 304 -31.92 2.61 6.68
CA LEU A 304 -32.52 1.86 5.59
C LEU A 304 -32.61 0.36 5.91
N GLY A 305 -32.61 0.04 7.20
CA GLY A 305 -32.83 -1.34 7.62
C GLY A 305 -31.60 -2.23 7.52
N GLY A 306 -30.42 -1.64 7.41
CA GLY A 306 -29.19 -2.40 7.35
C GLY A 306 -28.29 -1.99 8.48
N GLY A 307 -26.99 -2.01 8.27
CA GLY A 307 -26.06 -1.55 9.30
C GLY A 307 -24.61 -1.85 8.99
N GLY A 308 -23.75 -1.79 10.00
CA GLY A 308 -22.33 -2.03 9.81
C GLY A 308 -21.48 -1.19 10.74
N HIS A 309 -20.50 -0.47 10.19
CA HIS A 309 -19.64 0.36 11.02
C HIS A 309 -19.51 1.74 10.41
N LEU A 310 -18.91 2.64 11.17
CA LEU A 310 -18.80 4.03 10.78
C LEU A 310 -18.31 4.21 9.34
N THR A 311 -17.35 3.38 8.91
CA THR A 311 -16.70 3.60 7.63
C THR A 311 -17.12 2.60 6.57
N ASN A 312 -17.84 1.56 6.95
CA ASN A 312 -18.29 0.57 6.00
C ASN A 312 -19.57 -0.12 6.46
N ALA A 313 -20.62 0.02 5.69
CA ALA A 313 -21.89 -0.57 6.05
C ALA A 313 -22.61 -0.99 4.79
N ALA A 314 -23.76 -1.63 4.95
CA ALA A 314 -24.52 -2.16 3.83
C ALA A 314 -25.97 -2.35 4.22
N THR A 315 -26.85 -2.36 3.23
CA THR A 315 -28.21 -2.81 3.45
C THR A 315 -28.73 -3.51 2.24
N GLN A 316 -29.87 -4.17 2.40
CA GLN A 316 -30.54 -4.81 1.30
C GLN A 316 -32.03 -4.44 1.33
N LEU A 317 -32.58 -4.14 0.16
CA LEU A 317 -33.94 -3.63 0.06
C LEU A 317 -34.82 -4.55 -0.76
N LYS A 318 -35.87 -5.06 -0.14
CA LYS A 318 -36.82 -5.97 -0.79
C LYS A 318 -37.78 -5.28 -1.76
N GLY A 319 -37.97 -5.90 -2.91
CA GLY A 319 -39.03 -5.55 -3.84
C GLY A 319 -39.05 -4.14 -4.38
N VAL A 320 -37.88 -3.49 -4.48
CA VAL A 320 -37.81 -2.17 -5.07
C VAL A 320 -36.90 -2.14 -6.27
N THR A 321 -37.12 -1.14 -7.12
CA THR A 321 -36.24 -0.88 -8.25
C THR A 321 -35.01 -0.11 -7.77
N VAL A 322 -33.98 -0.10 -8.59
CA VAL A 322 -32.76 0.64 -8.25
C VAL A 322 -33.09 2.12 -8.02
N GLU A 323 -33.96 2.66 -8.88
CA GLU A 323 -34.36 4.06 -8.78
C GLU A 323 -35.11 4.37 -7.48
N GLU A 324 -36.01 3.48 -7.06
CA GLU A 324 -36.66 3.64 -5.76
C GLU A 324 -35.67 3.56 -4.60
N ALA A 325 -34.74 2.61 -4.69
CA ALA A 325 -33.75 2.44 -3.62
C ALA A 325 -32.91 3.71 -3.49
N ILE A 326 -32.52 4.28 -4.62
CA ILE A 326 -31.74 5.51 -4.64
C ILE A 326 -32.50 6.63 -3.96
N ALA A 327 -33.78 6.79 -4.33
CA ALA A 327 -34.65 7.80 -3.71
C ALA A 327 -34.78 7.60 -2.20
N GLN A 328 -35.03 6.36 -1.76
CA GLN A 328 -35.03 6.06 -0.31
C GLN A 328 -33.69 6.44 0.31
N LEU A 329 -32.60 6.16 -0.41
CA LEU A 329 -31.26 6.47 0.07
C LEU A 329 -31.02 7.98 0.26
N GLN A 330 -31.44 8.80 -0.71
CA GLN A 330 -31.24 10.25 -0.63
C GLN A 330 -32.09 10.88 0.47
N GLN A 331 -33.32 10.39 0.61
CA GLN A 331 -34.18 10.78 1.72
C GLN A 331 -33.47 10.56 3.05
N ALA A 332 -32.86 9.39 3.22
CA ALA A 332 -32.06 9.10 4.42
C ALA A 332 -30.87 10.05 4.58
N ILE A 333 -30.13 10.25 3.49
CA ILE A 333 -28.97 11.14 3.52
C ILE A 333 -29.32 12.58 3.90
N THR A 334 -30.31 13.17 3.24
CA THR A 334 -30.70 14.55 3.56
C THR A 334 -31.18 14.66 5.00
N GLU A 335 -31.88 13.63 5.46
CA GLU A 335 -32.34 13.60 6.85
C GLU A 335 -31.14 13.53 7.81
N GLN A 336 -30.18 12.67 7.49
CA GLN A 336 -29.00 12.50 8.35
C GLN A 336 -28.05 13.70 8.33
N LEU A 337 -27.85 14.27 7.16
CA LEU A 337 -26.92 15.36 6.99
C LEU A 337 -27.65 16.69 6.92
N VAL B 7 24.79 2.30 12.37
CA VAL B 7 25.49 3.37 13.10
C VAL B 7 25.93 4.48 12.15
N ARG B 8 25.95 4.19 10.85
CA ARG B 8 26.31 5.20 9.84
C ARG B 8 25.37 6.41 9.87
N ALA B 9 24.07 6.15 9.96
CA ALA B 9 23.09 7.23 10.07
C ALA B 9 23.37 8.05 11.33
N ARG B 10 23.75 7.37 12.41
CA ARG B 10 24.09 8.05 13.66
C ARG B 10 25.24 9.02 13.44
N VAL B 11 26.26 8.56 12.73
CA VAL B 11 27.44 9.37 12.42
C VAL B 11 27.06 10.55 11.53
N ILE B 12 26.28 10.29 10.50
CA ILE B 12 25.81 11.35 9.60
C ILE B 12 24.94 12.35 10.37
N SER B 13 24.03 11.85 11.18
CA SER B 13 23.14 12.71 11.94
C SER B 13 23.93 13.74 12.76
N HIS B 14 24.94 13.28 13.50
CA HIS B 14 25.69 14.16 14.38
C HIS B 14 26.59 15.10 13.61
N ALA B 15 27.18 14.62 12.52
CA ALA B 15 28.03 15.47 11.69
C ALA B 15 27.22 16.58 11.07
N LEU B 16 26.00 16.23 10.61
CA LEU B 16 25.15 17.21 9.96
C LEU B 16 24.73 18.28 10.96
N LYS B 17 24.51 17.88 12.20
CA LYS B 17 24.07 18.83 13.21
C LYS B 17 25.14 19.88 13.50
N ASP B 18 26.39 19.44 13.54
CA ASP B 18 27.51 20.36 13.80
C ASP B 18 27.72 21.32 12.62
N ILE B 19 27.54 20.83 11.41
CA ILE B 19 27.62 21.66 10.22
C ILE B 19 26.53 22.73 10.20
N LEU B 20 25.33 22.34 10.60
CA LEU B 20 24.20 23.27 10.55
C LEU B 20 24.33 24.36 11.61
N ALA B 21 24.78 23.96 12.80
CA ALA B 21 24.93 24.88 13.94
C ALA B 21 26.12 25.81 13.75
N GLU B 22 27.06 25.38 12.91
CA GLU B 22 28.24 26.18 12.60
C GLU B 22 27.95 27.40 11.73
N GLY B 23 27.03 27.26 10.77
CA GLY B 23 26.65 28.36 9.90
C GLY B 23 25.67 29.29 10.57
N ASP B 24 25.33 30.39 9.91
CA ASP B 24 24.40 31.37 10.50
C ASP B 24 22.92 30.98 10.40
N LYS B 25 22.60 30.13 9.43
CA LYS B 25 21.22 29.68 9.26
C LYS B 25 21.20 28.58 8.19
N VAL B 26 20.04 28.03 7.92
CA VAL B 26 19.92 26.89 7.01
C VAL B 26 18.89 27.17 5.94
N ILE B 27 19.26 26.93 4.68
CA ILE B 27 18.34 27.10 3.57
C ILE B 27 18.16 25.74 2.88
N ILE B 28 16.93 25.27 2.80
CA ILE B 28 16.66 23.92 2.29
C ILE B 28 15.99 23.95 0.93
N MET B 29 16.51 23.18 -0.01
CA MET B 29 16.01 23.27 -1.37
C MET B 29 15.99 21.92 -2.04
N GLY B 30 14.89 21.57 -2.70
CA GLY B 30 14.81 20.32 -3.43
C GLY B 30 15.02 20.52 -4.91
N HIS B 31 14.33 19.72 -5.72
CA HIS B 31 14.46 19.84 -7.17
C HIS B 31 13.34 20.65 -7.82
N LYS B 32 13.54 21.03 -9.08
CA LYS B 32 12.51 21.74 -9.83
C LYS B 32 11.23 20.92 -9.86
N ARG B 33 10.09 21.60 -9.79
CA ARG B 33 8.79 20.94 -9.75
C ARG B 33 8.81 19.90 -8.63
N PRO B 34 8.90 20.37 -7.37
CA PRO B 34 9.10 19.39 -6.30
C PRO B 34 7.89 18.46 -6.12
N ASP B 35 8.16 17.19 -5.84
CA ASP B 35 7.09 16.27 -5.49
C ASP B 35 7.08 16.14 -3.97
N LEU B 36 6.23 15.26 -3.45
CA LEU B 36 6.03 15.15 -2.01
C LEU B 36 7.25 14.65 -1.27
N ASP B 37 8.09 13.86 -1.92
CA ASP B 37 9.30 13.41 -1.28
C ASP B 37 10.27 14.58 -1.13
N ALA B 38 10.36 15.45 -2.14
CA ALA B 38 11.30 16.56 -2.05
C ALA B 38 10.84 17.49 -0.95
N ILE B 39 9.53 17.74 -0.89
CA ILE B 39 8.96 18.62 0.14
C ILE B 39 8.99 17.97 1.52
N GLY B 40 8.61 16.69 1.58
CA GLY B 40 8.69 15.94 2.82
C GLY B 40 10.08 15.93 3.42
N ALA B 41 11.08 15.61 2.61
CA ALA B 41 12.47 15.64 3.06
C ALA B 41 12.88 17.02 3.57
N ALA B 42 12.54 18.05 2.80
CA ALA B 42 12.88 19.43 3.17
C ALA B 42 12.24 19.75 4.52
N ILE B 43 10.98 19.35 4.70
CA ILE B 43 10.30 19.58 5.97
C ILE B 43 11.00 18.83 7.10
N GLY B 44 11.46 17.61 6.83
CA GLY B 44 12.20 16.86 7.82
C GLY B 44 13.51 17.54 8.24
N VAL B 45 14.26 18.05 7.26
CA VAL B 45 15.50 18.77 7.53
C VAL B 45 15.23 20.07 8.32
N SER B 46 14.12 20.72 8.03
CA SER B 46 13.74 21.89 8.84
C SER B 46 13.36 21.50 10.28
N ARG B 47 12.73 20.34 10.48
CA ARG B 47 12.49 19.87 11.85
C ARG B 47 13.80 19.49 12.54
N PHE B 48 14.70 18.88 11.79
CA PHE B 48 16.04 18.57 12.26
C PHE B 48 16.69 19.84 12.82
N ALA B 49 16.53 20.94 12.11
CA ALA B 49 17.15 22.21 12.49
C ALA B 49 16.50 22.77 13.75
N MET B 50 15.18 22.73 13.80
CA MET B 50 14.43 23.27 14.94
C MET B 50 14.66 22.49 16.22
N MET B 51 14.93 21.19 16.07
CA MET B 51 15.24 20.32 17.18
C MET B 51 16.50 20.79 17.91
N ASN B 52 17.36 21.47 17.17
CA ASN B 52 18.60 22.03 17.71
C ASN B 52 18.52 23.55 17.81
N ASN B 53 17.30 24.06 17.78
CA ASN B 53 17.03 25.50 17.85
C ASN B 53 17.76 26.33 16.80
N LEU B 54 17.94 25.77 15.61
CA LEU B 54 18.56 26.49 14.50
C LEU B 54 17.53 27.15 13.59
N GLU B 55 17.97 28.16 12.85
CA GLU B 55 17.11 28.94 11.96
C GLU B 55 17.08 28.30 10.57
N ALA B 56 15.92 27.80 10.17
CA ALA B 56 15.84 27.10 8.87
C ALA B 56 14.67 27.54 8.02
N TYR B 57 14.92 27.66 6.71
CA TYR B 57 13.89 27.96 5.72
C TYR B 57 13.90 26.95 4.56
N ILE B 58 12.73 26.78 3.93
CA ILE B 58 12.56 25.93 2.76
C ILE B 58 12.20 26.77 1.54
N VAL B 59 12.99 26.69 0.48
CA VAL B 59 12.73 27.53 -0.70
C VAL B 59 11.61 26.95 -1.52
N LEU B 60 10.58 27.74 -1.78
CA LEU B 60 9.46 27.32 -2.61
C LEU B 60 8.77 28.54 -3.22
N ASN B 61 8.69 28.58 -4.55
CA ASN B 61 8.02 29.67 -5.24
C ASN B 61 6.64 29.25 -5.71
N GLU B 62 5.71 30.19 -5.81
CA GLU B 62 4.35 29.87 -6.22
C GLU B 62 4.31 29.10 -7.55
N THR B 63 5.23 29.39 -8.45
CA THR B 63 5.25 28.66 -9.72
C THR B 63 5.76 27.22 -9.58
N ASP B 64 6.23 26.85 -8.39
CA ASP B 64 6.75 25.49 -8.19
C ASP B 64 5.70 24.57 -7.57
N ILE B 65 4.49 25.07 -7.37
CA ILE B 65 3.46 24.32 -6.66
C ILE B 65 2.42 23.72 -7.63
N ASP B 66 2.62 22.47 -8.00
CA ASP B 66 1.66 21.76 -8.83
C ASP B 66 0.40 21.43 -8.02
N PRO B 67 -0.59 20.77 -8.65
CA PRO B 67 -1.87 20.60 -7.94
C PRO B 67 -1.80 19.67 -6.71
N THR B 68 -1.02 18.61 -6.79
CA THR B 68 -0.80 17.77 -5.62
C THR B 68 -0.21 18.60 -4.47
N LEU B 69 0.85 19.35 -4.75
CA LEU B 69 1.52 20.12 -3.72
C LEU B 69 0.60 21.18 -3.11
N ARG B 70 -0.26 21.77 -3.95
CA ARG B 70 -1.25 22.73 -3.47
C ARG B 70 -2.17 22.14 -2.40
N ARG B 71 -2.61 20.91 -2.59
CA ARG B 71 -3.45 20.23 -1.59
C ARG B 71 -2.71 20.15 -0.26
N VAL B 72 -1.41 19.89 -0.34
CA VAL B 72 -0.56 19.84 0.83
C VAL B 72 -0.37 21.21 1.44
N MET B 73 -0.11 22.22 0.60
CA MET B 73 0.10 23.58 1.13
C MET B 73 -1.16 24.14 1.77
N ASN B 74 -2.33 23.71 1.28
CA ASN B 74 -3.59 24.08 1.92
C ASN B 74 -3.64 23.67 3.40
N GLU B 75 -3.04 22.52 3.73
CA GLU B 75 -2.99 22.08 5.12
C GLU B 75 -1.92 22.85 5.89
N ILE B 76 -0.76 22.99 5.25
CA ILE B 76 0.35 23.69 5.87
C ILE B 76 -0.02 25.15 6.20
N ASP B 77 -0.91 25.74 5.40
CA ASP B 77 -1.38 27.11 5.66
C ASP B 77 -2.10 27.22 6.99
N LYS B 78 -2.66 26.12 7.48
CA LYS B 78 -3.36 26.10 8.77
C LYS B 78 -2.41 26.09 9.96
N LYS B 79 -1.11 25.99 9.70
CA LYS B 79 -0.12 25.94 10.78
C LYS B 79 0.97 26.96 10.54
N PRO B 80 0.80 28.18 11.11
CA PRO B 80 1.72 29.29 10.87
C PRO B 80 3.17 28.92 11.19
N GLU B 81 3.41 28.19 12.26
CA GLU B 81 4.78 27.81 12.59
C GLU B 81 5.43 27.12 11.39
N LEU B 82 4.69 26.21 10.76
CA LEU B 82 5.23 25.49 9.62
C LEU B 82 5.19 26.35 8.35
N ARG B 83 4.09 27.06 8.14
CA ARG B 83 3.94 27.85 6.92
C ARG B 83 5.03 28.93 6.78
N GLU B 84 5.47 29.50 7.89
CA GLU B 84 6.49 30.56 7.88
C GLU B 84 7.89 30.09 7.47
N ARG B 85 8.11 28.77 7.44
CA ARG B 85 9.43 28.27 7.06
C ARG B 85 9.64 28.32 5.55
N PHE B 86 8.55 28.45 4.79
CA PHE B 86 8.62 28.45 3.33
C PHE B 86 8.84 29.86 2.79
N ILE B 87 9.89 30.05 2.00
CA ILE B 87 10.23 31.37 1.43
C ILE B 87 10.53 31.30 -0.07
N THR B 88 10.42 32.43 -0.75
CA THR B 88 10.72 32.54 -2.17
C THR B 88 12.21 32.50 -2.43
N SER B 89 12.59 32.18 -3.66
CA SER B 89 13.97 32.27 -4.12
C SER B 89 14.59 33.63 -3.84
N ASP B 90 13.79 34.68 -4.02
CA ASP B 90 14.23 36.05 -3.79
C ASP B 90 14.63 36.25 -2.33
N ASP B 91 13.75 35.88 -1.41
CA ASP B 91 14.03 36.06 0.01
C ASP B 91 15.23 35.22 0.46
N ALA B 92 15.35 34.02 -0.10
CA ALA B 92 16.46 33.14 0.23
C ALA B 92 17.76 33.80 -0.20
N TRP B 93 17.83 34.18 -1.46
CA TRP B 93 19.01 34.87 -1.99
C TRP B 93 19.39 36.05 -1.09
N ASP B 94 18.40 36.87 -0.77
CA ASP B 94 18.64 38.10 -0.01
C ASP B 94 19.16 37.84 1.40
N MET B 95 18.69 36.77 2.04
CA MET B 95 19.08 36.48 3.41
C MET B 95 20.36 35.63 3.53
N MET B 96 20.87 35.17 2.39
CA MET B 96 22.05 34.31 2.37
C MET B 96 23.34 35.06 2.64
N THR B 97 24.25 34.36 3.29
CA THR B 97 25.52 34.94 3.72
C THR B 97 26.61 33.95 3.38
N SER B 98 27.86 34.26 3.68
CA SER B 98 28.96 33.32 3.43
C SER B 98 28.90 32.16 4.41
N LYS B 99 28.18 32.34 5.51
CA LYS B 99 28.05 31.31 6.54
C LYS B 99 26.70 30.58 6.51
N THR B 100 25.90 30.84 5.48
CA THR B 100 24.63 30.14 5.34
C THR B 100 24.88 28.75 4.78
N THR B 101 24.26 27.73 5.39
CA THR B 101 24.33 26.40 4.82
C THR B 101 23.09 26.10 3.99
N VAL B 102 23.33 25.71 2.74
CA VAL B 102 22.26 25.26 1.86
C VAL B 102 22.19 23.74 1.85
N VAL B 103 21.03 23.17 2.15
CA VAL B 103 20.87 21.72 2.14
C VAL B 103 20.02 21.34 0.94
N ILE B 104 20.61 20.58 0.02
CA ILE B 104 19.93 20.12 -1.18
C ILE B 104 19.39 18.72 -0.92
N VAL B 105 18.07 18.55 -1.08
CA VAL B 105 17.42 17.25 -0.84
C VAL B 105 16.84 16.67 -2.11
N ASP B 106 17.02 15.37 -2.27
CA ASP B 106 16.30 14.58 -3.26
C ASP B 106 16.72 14.87 -4.69
N THR B 107 17.97 15.27 -4.84
CA THR B 107 18.62 15.47 -6.12
C THR B 107 20.08 15.77 -5.82
N HIS B 108 20.94 15.69 -6.83
CA HIS B 108 22.36 15.93 -6.66
C HIS B 108 22.96 16.57 -7.90
N LYS B 109 22.10 16.92 -8.84
CA LYS B 109 22.54 17.58 -10.06
C LYS B 109 22.23 19.08 -9.98
N PRO B 110 23.27 19.92 -10.09
CA PRO B 110 23.13 21.38 -10.02
C PRO B 110 21.98 21.89 -10.88
N GLU B 111 21.89 21.40 -12.11
CA GLU B 111 20.90 21.91 -13.05
C GLU B 111 19.48 21.47 -12.69
N LEU B 112 19.35 20.55 -11.74
CA LEU B 112 18.03 20.04 -11.39
C LEU B 112 17.51 20.69 -10.12
N VAL B 113 18.37 21.45 -9.45
CA VAL B 113 17.97 22.06 -8.20
C VAL B 113 16.91 23.14 -8.41
N LEU B 114 16.06 23.35 -7.41
CA LEU B 114 14.94 24.27 -7.55
C LEU B 114 15.38 25.66 -8.07
N ASP B 115 16.39 26.25 -7.42
CA ASP B 115 16.92 27.54 -7.88
C ASP B 115 18.44 27.48 -7.92
N GLU B 116 18.99 27.35 -9.14
CA GLU B 116 20.43 27.23 -9.30
C GLU B 116 21.14 28.52 -8.83
N ASN B 117 20.46 29.66 -8.93
CA ASN B 117 21.05 30.91 -8.45
C ASN B 117 21.32 30.87 -6.95
N VAL B 118 20.35 30.39 -6.17
CA VAL B 118 20.56 30.18 -4.74
C VAL B 118 21.72 29.20 -4.51
N LEU B 119 21.71 28.11 -5.26
CA LEU B 119 22.74 27.09 -5.15
C LEU B 119 24.12 27.67 -5.49
N ASN B 120 24.16 28.52 -6.51
CA ASN B 120 25.41 29.18 -6.89
C ASN B 120 25.92 30.17 -5.86
N LYS B 121 25.01 30.81 -5.12
CA LYS B 121 25.42 31.77 -4.11
C LYS B 121 25.96 31.09 -2.86
N ALA B 122 25.72 29.79 -2.75
CA ALA B 122 26.02 29.08 -1.50
C ALA B 122 27.49 28.72 -1.36
N ASN B 123 28.02 29.00 -0.17
CA ASN B 123 29.39 28.67 0.19
C ASN B 123 29.52 27.33 0.93
N ARG B 124 28.48 26.97 1.67
CA ARG B 124 28.44 25.72 2.44
C ARG B 124 27.29 24.85 1.93
N LYS B 125 27.60 23.68 1.38
CA LYS B 125 26.55 22.82 0.83
C LYS B 125 26.50 21.42 1.49
N VAL B 126 25.27 20.89 1.62
CA VAL B 126 25.01 19.54 2.08
C VAL B 126 24.06 18.87 1.07
N VAL B 127 24.26 17.58 0.81
CA VAL B 127 23.48 16.87 -0.21
C VAL B 127 22.93 15.58 0.36
N ILE B 128 21.62 15.41 0.33
CA ILE B 128 20.97 14.18 0.81
C ILE B 128 20.02 13.68 -0.27
N ASP B 129 20.27 12.46 -0.75
CA ASP B 129 19.57 11.95 -1.92
C ASP B 129 19.63 10.42 -1.96
N HIS B 130 18.78 9.80 -2.78
CA HIS B 130 18.72 8.34 -2.85
C HIS B 130 18.85 7.88 -4.28
N HIS B 131 19.64 8.58 -5.08
CA HIS B 131 19.80 8.22 -6.48
C HIS B 131 21.26 7.90 -6.73
N ARG B 132 21.54 7.16 -7.80
CA ARG B 132 22.92 6.85 -8.16
C ARG B 132 23.61 8.09 -8.71
N ARG B 133 24.77 8.42 -8.14
CA ARG B 133 25.56 9.56 -8.56
C ARG B 133 25.86 9.52 -10.07
N GLY B 134 25.65 10.64 -10.75
CA GLY B 134 25.84 10.70 -12.18
C GLY B 134 26.91 11.68 -12.63
N GLU B 135 26.71 12.29 -13.79
CA GLU B 135 27.67 13.24 -14.33
C GLU B 135 27.89 14.44 -13.42
N SER B 136 27.02 15.44 -13.57
CA SER B 136 27.12 16.65 -12.77
C SER B 136 26.76 16.41 -11.31
N PHE B 137 27.47 17.07 -10.42
CA PHE B 137 27.25 16.90 -8.99
C PHE B 137 27.48 18.21 -8.25
N ILE B 138 26.72 18.43 -7.17
CA ILE B 138 26.90 19.58 -6.31
C ILE B 138 28.37 19.78 -5.96
N SER B 139 28.93 20.93 -6.29
CA SER B 139 30.35 21.21 -6.04
C SER B 139 30.68 21.41 -4.56
N ASN B 140 31.73 20.72 -4.11
CA ASN B 140 32.33 20.95 -2.79
C ASN B 140 31.42 20.84 -1.58
N PRO B 141 30.60 19.77 -1.51
CA PRO B 141 29.74 19.60 -0.33
C PRO B 141 30.53 19.38 0.96
N LEU B 142 30.07 19.98 2.06
CA LEU B 142 30.64 19.69 3.37
C LEU B 142 30.26 18.27 3.84
N LEU B 143 29.06 17.82 3.47
CA LEU B 143 28.55 16.52 3.86
C LEU B 143 27.66 15.93 2.76
N ILE B 144 27.74 14.62 2.59
CA ILE B 144 26.98 13.91 1.56
C ILE B 144 26.32 12.67 2.16
N TYR B 145 25.00 12.59 2.03
CA TYR B 145 24.29 11.39 2.45
C TYR B 145 23.55 10.84 1.25
N MET B 146 24.22 9.96 0.51
CA MET B 146 23.66 9.35 -0.68
C MET B 146 23.49 7.86 -0.44
N GLU B 147 22.31 7.33 -0.79
CA GLU B 147 22.02 5.92 -0.62
C GLU B 147 21.05 5.48 -1.71
N PRO B 148 21.59 5.02 -2.85
CA PRO B 148 20.79 4.65 -4.02
C PRO B 148 19.82 3.50 -3.75
N TYR B 149 19.92 2.82 -2.61
CA TYR B 149 19.00 1.73 -2.29
C TYR B 149 17.80 2.17 -1.45
N ALA B 150 17.86 3.37 -0.88
CA ALA B 150 16.78 3.84 -0.04
C ALA B 150 15.56 4.13 -0.91
N SER B 151 14.37 4.14 -0.31
CA SER B 151 13.13 4.34 -1.06
C SER B 151 13.01 5.80 -1.52
N SER B 152 13.60 6.69 -0.74
CA SER B 152 13.30 8.10 -0.86
C SER B 152 14.27 8.90 0.01
N THR B 153 14.25 10.22 -0.17
CA THR B 153 15.02 11.11 0.70
C THR B 153 14.33 11.24 2.05
N ALA B 154 13.00 11.21 2.06
CA ALA B 154 12.26 11.24 3.32
C ALA B 154 12.71 10.11 4.24
N GLU B 155 12.93 8.93 3.66
CA GLU B 155 13.35 7.78 4.46
C GLU B 155 14.71 8.09 5.06
N LEU B 156 15.60 8.64 4.22
CA LEU B 156 16.93 9.03 4.66
C LEU B 156 16.88 10.05 5.78
N VAL B 157 16.05 11.08 5.63
CA VAL B 157 16.02 12.16 6.61
C VAL B 157 15.38 11.69 7.91
N THR B 158 14.39 10.81 7.82
CA THR B 158 13.79 10.25 9.02
C THR B 158 14.85 9.55 9.88
N GLU B 159 15.79 8.89 9.24
CA GLU B 159 16.83 8.17 10.00
C GLU B 159 17.71 9.14 10.77
N LEU B 160 18.03 10.28 10.17
CA LEU B 160 18.83 11.29 10.85
C LEU B 160 18.10 11.86 12.05
N LEU B 161 16.79 12.07 11.92
CA LEU B 161 15.98 12.69 12.98
C LEU B 161 16.05 11.86 14.26
N GLU B 162 16.10 10.54 14.11
CA GLU B 162 16.01 9.63 15.23
C GLU B 162 17.11 9.89 16.26
N TYR B 163 18.26 10.41 15.80
CA TYR B 163 19.40 10.62 16.71
C TYR B 163 19.54 12.03 17.24
N GLN B 164 18.45 12.81 17.18
CA GLN B 164 18.48 14.20 17.61
C GLN B 164 17.58 14.41 18.81
N PRO B 165 17.77 15.51 19.54
CA PRO B 165 16.99 15.83 20.75
C PRO B 165 15.50 15.82 20.48
N THR B 166 14.71 15.40 21.45
CA THR B 166 13.28 15.20 21.26
C THR B 166 12.36 16.18 22.02
N GLU B 167 12.91 17.26 22.57
CA GLU B 167 12.04 18.23 23.19
C GLU B 167 11.11 18.84 22.14
N GLN B 168 11.64 19.11 20.96
CA GLN B 168 10.85 19.69 19.87
C GLN B 168 10.61 18.67 18.74
N ARG B 169 9.72 17.72 18.98
CA ARG B 169 9.48 16.60 18.07
C ARG B 169 8.84 16.95 16.73
N LEU B 170 9.02 16.06 15.77
CA LEU B 170 8.26 16.07 14.52
C LEU B 170 6.76 16.15 14.84
N THR B 171 6.04 17.04 14.17
CA THR B 171 4.61 17.17 14.41
C THR B 171 3.80 16.20 13.56
N ARG B 172 2.51 16.10 13.84
CA ARG B 172 1.62 15.21 13.10
C ARG B 172 1.59 15.56 11.62
N LEU B 173 1.40 16.83 11.30
CA LEU B 173 1.37 17.27 9.91
C LEU B 173 2.72 17.04 9.21
N GLU B 174 3.82 17.41 9.86
CA GLU B 174 5.15 17.20 9.28
C GLU B 174 5.34 15.72 8.96
N SER B 175 5.04 14.86 9.94
CA SER B 175 5.10 13.41 9.77
C SER B 175 4.29 12.96 8.59
N THR B 176 3.09 13.54 8.45
CA THR B 176 2.20 13.12 7.38
C THR B 176 2.79 13.40 6.00
N VAL B 177 3.40 14.57 5.83
CA VAL B 177 3.97 14.93 4.52
C VAL B 177 5.16 14.06 4.19
N MET B 178 5.99 13.78 5.20
CA MET B 178 7.15 12.91 5.00
C MET B 178 6.69 11.53 4.59
N TYR B 179 5.62 11.07 5.26
CA TYR B 179 5.09 9.74 5.04
C TYR B 179 4.51 9.64 3.63
N ALA B 180 3.71 10.63 3.24
CA ALA B 180 3.19 10.74 1.87
C ALA B 180 4.29 10.75 0.83
N GLY B 181 5.44 11.34 1.15
CA GLY B 181 6.57 11.29 0.24
C GLY B 181 7.08 9.88 0.00
N ILE B 182 7.15 9.08 1.07
CA ILE B 182 7.52 7.68 0.96
C ILE B 182 6.47 6.89 0.19
N ILE B 183 5.19 7.16 0.48
CA ILE B 183 4.12 6.52 -0.26
C ILE B 183 4.23 6.75 -1.77
N VAL B 184 4.45 8.00 -2.20
CA VAL B 184 4.55 8.29 -3.64
C VAL B 184 5.78 7.60 -4.25
N ASP B 185 6.93 7.77 -3.61
CA ASP B 185 8.16 7.21 -4.16
C ASP B 185 8.19 5.68 -4.22
N THR B 186 7.48 5.02 -3.30
CA THR B 186 7.43 3.56 -3.31
C THR B 186 6.14 3.02 -3.92
N ARG B 187 5.29 3.90 -4.44
CA ARG B 187 3.96 3.47 -4.89
C ARG B 187 3.29 2.58 -3.82
N ASN B 188 3.10 3.16 -2.64
CA ASN B 188 2.52 2.45 -1.50
C ASN B 188 3.25 1.13 -1.16
N PHE B 189 4.56 1.23 -0.92
CA PHE B 189 5.38 0.12 -0.41
C PHE B 189 5.48 -1.06 -1.39
N THR B 190 5.53 -0.72 -2.66
CA THR B 190 5.42 -1.70 -3.71
C THR B 190 6.72 -1.67 -4.54
N LEU B 191 7.48 -0.60 -4.38
CA LEU B 191 8.70 -0.42 -5.15
C LEU B 191 9.81 0.14 -4.28
N ARG B 192 11.04 -0.30 -4.53
CA ARG B 192 12.19 0.25 -3.84
C ARG B 192 12.03 0.26 -2.32
N THR B 193 11.35 -0.76 -1.79
CA THR B 193 10.94 -0.76 -0.39
C THR B 193 11.73 -1.81 0.40
N GLY B 194 12.52 -1.34 1.37
CA GLY B 194 13.36 -2.21 2.19
C GLY B 194 12.87 -2.20 3.64
N SER B 195 13.49 -3.02 4.49
CA SER B 195 13.11 -3.02 5.88
C SER B 195 13.27 -1.62 6.46
N ARG B 196 14.28 -0.89 6.01
CA ARG B 196 14.56 0.47 6.50
C ARG B 196 13.46 1.43 6.10
N THR B 197 12.85 1.18 4.96
CA THR B 197 11.67 1.96 4.54
C THR B 197 10.55 1.78 5.57
N PHE B 198 10.31 0.53 5.97
CA PHE B 198 9.32 0.27 7.01
C PHE B 198 9.75 0.84 8.37
N ASP B 199 11.06 0.86 8.67
CA ASP B 199 11.51 1.48 9.92
C ASP B 199 11.16 2.97 9.93
N ALA B 200 11.36 3.62 8.80
CA ALA B 200 11.03 5.03 8.67
C ALA B 200 9.51 5.23 8.82
N ALA B 201 8.73 4.41 8.14
CA ALA B 201 7.29 4.50 8.24
C ALA B 201 6.84 4.36 9.71
N SER B 202 7.41 3.40 10.42
CA SER B 202 7.12 3.20 11.83
C SER B 202 7.38 4.47 12.65
N TYR B 203 8.54 5.08 12.44
CA TYR B 203 8.89 6.29 13.16
C TYR B 203 7.90 7.43 12.84
N LEU B 204 7.59 7.62 11.57
CA LEU B 204 6.64 8.67 11.19
C LEU B 204 5.26 8.39 11.77
N ARG B 205 4.84 7.14 11.68
CA ARG B 205 3.52 6.76 12.19
C ARG B 205 3.44 6.96 13.71
N ALA B 206 4.56 6.75 14.39
CA ALA B 206 4.59 6.93 15.83
C ALA B 206 4.46 8.42 16.16
N HIS B 207 4.80 9.26 15.20
CA HIS B 207 4.67 10.71 15.38
C HIS B 207 3.37 11.27 14.80
N GLY B 208 2.43 10.38 14.50
CA GLY B 208 1.12 10.79 14.04
C GLY B 208 0.85 10.83 12.54
N ALA B 209 1.76 10.32 11.71
CA ALA B 209 1.55 10.30 10.27
C ALA B 209 0.15 9.75 9.95
N ASP B 210 -0.62 10.53 9.20
CA ASP B 210 -2.06 10.31 9.02
C ASP B 210 -2.34 9.70 7.64
N THR B 211 -2.72 8.43 7.61
CA THR B 211 -3.06 7.75 6.34
C THR B 211 -4.22 8.39 5.58
N ILE B 212 -5.23 8.86 6.30
CA ILE B 212 -6.39 9.43 5.65
C ILE B 212 -6.07 10.78 4.98
N LEU B 213 -5.22 11.56 5.63
CA LEU B 213 -4.75 12.82 5.03
C LEU B 213 -3.83 12.54 3.84
N THR B 214 -2.99 11.52 3.96
CA THR B 214 -2.12 11.10 2.88
C THR B 214 -2.98 10.69 1.67
N GLN B 215 -4.01 9.90 1.93
CA GLN B 215 -4.98 9.54 0.87
C GLN B 215 -5.62 10.78 0.25
N HIS B 216 -5.93 11.79 1.07
CA HIS B 216 -6.52 13.01 0.52
C HIS B 216 -5.56 13.67 -0.47
N PHE B 217 -4.27 13.72 -0.13
CA PHE B 217 -3.25 14.33 -0.98
C PHE B 217 -3.16 13.64 -2.32
N LEU B 218 -3.42 12.35 -2.33
CA LEU B 218 -3.14 11.54 -3.51
C LEU B 218 -4.43 11.07 -4.20
N LYS B 219 -5.53 11.76 -3.92
CA LYS B 219 -6.80 11.43 -4.59
C LYS B 219 -6.63 11.60 -6.09
N ASP B 220 -7.20 10.66 -6.81
CA ASP B 220 -7.17 10.59 -8.25
C ASP B 220 -8.40 11.37 -8.76
N ASP B 221 -8.24 12.10 -9.85
CA ASP B 221 -9.35 12.79 -10.49
C ASP B 221 -10.40 11.80 -11.03
N VAL B 222 -11.68 12.15 -10.92
CA VAL B 222 -12.78 11.26 -11.37
C VAL B 222 -12.82 11.09 -12.90
N ASP B 223 -12.74 12.20 -13.62
CA ASP B 223 -12.69 12.18 -15.07
C ASP B 223 -11.63 11.20 -15.57
N THR B 224 -10.45 11.30 -15.00
CA THR B 224 -9.30 10.56 -15.53
C THR B 224 -9.42 9.09 -15.18
N TYR B 225 -9.93 8.79 -13.99
CA TYR B 225 -10.25 7.42 -13.67
C TYR B 225 -11.22 6.84 -14.71
N ILE B 226 -12.19 7.65 -15.12
CA ILE B 226 -13.20 7.21 -16.09
C ILE B 226 -12.64 7.05 -17.53
N ASN B 227 -11.73 7.93 -17.92
CA ASN B 227 -10.99 7.78 -19.17
C ASN B 227 -10.11 6.56 -19.15
N ARG B 228 -9.37 6.39 -18.05
CA ARG B 228 -8.42 5.28 -17.96
C ARG B 228 -9.17 3.96 -18.09
N SER B 229 -10.32 3.86 -17.42
CA SER B 229 -11.07 2.63 -17.41
C SER B 229 -11.77 2.35 -18.75
N GLU B 230 -12.11 3.39 -19.51
CA GLU B 230 -12.64 3.19 -20.87
C GLU B 230 -11.67 2.39 -21.70
N LEU B 231 -10.38 2.72 -21.59
CA LEU B 231 -9.34 1.97 -22.27
C LEU B 231 -9.24 0.54 -21.74
N ILE B 232 -9.06 0.43 -20.43
CA ILE B 232 -8.91 -0.88 -19.79
C ILE B 232 -10.09 -1.79 -20.13
N ARG B 233 -11.28 -1.21 -20.17
CA ARG B 233 -12.51 -1.99 -20.41
C ARG B 233 -12.42 -2.88 -21.64
N THR B 234 -11.61 -2.47 -22.61
CA THR B 234 -11.59 -3.14 -23.90
C THR B 234 -10.60 -4.30 -23.95
N VAL B 235 -9.88 -4.52 -22.87
CA VAL B 235 -8.74 -5.42 -22.93
C VAL B 235 -9.11 -6.83 -23.41
N LYS B 236 -8.26 -7.39 -24.26
CA LYS B 236 -8.40 -8.75 -24.73
C LYS B 236 -7.11 -9.47 -24.36
N VAL B 237 -7.22 -10.54 -23.57
CA VAL B 237 -6.05 -11.25 -23.07
C VAL B 237 -5.92 -12.63 -23.70
N GLU B 238 -4.79 -12.87 -24.38
CA GLU B 238 -4.48 -14.17 -24.97
C GLU B 238 -4.00 -15.18 -23.92
N ASP B 239 -3.97 -16.45 -24.30
CA ASP B 239 -3.60 -17.53 -23.40
C ASP B 239 -2.16 -17.41 -22.91
N ASN B 240 -1.33 -16.70 -23.68
CA ASN B 240 0.06 -16.49 -23.30
C ASN B 240 0.26 -15.29 -22.36
N GLY B 241 -0.84 -14.70 -21.92
CA GLY B 241 -0.78 -13.57 -21.01
C GLY B 241 -0.54 -12.22 -21.68
N ILE B 242 -0.62 -12.18 -23.01
CA ILE B 242 -0.46 -10.91 -23.72
C ILE B 242 -1.80 -10.19 -23.87
N ALA B 243 -1.85 -8.95 -23.40
CA ALA B 243 -3.10 -8.20 -23.40
C ALA B 243 -3.01 -6.98 -24.31
N ILE B 244 -4.07 -6.76 -25.09
CA ILE B 244 -4.18 -5.55 -25.89
C ILE B 244 -5.46 -4.81 -25.55
N ALA B 245 -5.35 -3.50 -25.37
CA ALA B 245 -6.49 -2.66 -25.06
C ALA B 245 -6.45 -1.49 -26.02
N HIS B 246 -7.60 -0.89 -26.33
CA HIS B 246 -7.58 0.22 -27.28
C HIS B 246 -8.68 1.25 -27.01
N GLY B 247 -8.43 2.51 -27.41
CA GLY B 247 -9.47 3.53 -27.46
C GLY B 247 -10.12 3.52 -28.83
N SER B 248 -11.32 4.09 -28.93
CA SER B 248 -11.99 4.15 -30.23
C SER B 248 -11.20 5.02 -31.21
N ASP B 249 -11.41 4.80 -32.51
CA ASP B 249 -10.65 5.51 -33.52
C ASP B 249 -10.94 7.01 -33.57
N ASP B 250 -12.08 7.43 -33.04
CA ASP B 250 -12.48 8.84 -33.11
C ASP B 250 -12.27 9.64 -31.82
N LYS B 251 -11.61 9.05 -30.82
CA LYS B 251 -11.33 9.76 -29.57
C LYS B 251 -9.86 9.82 -29.26
N ILE B 252 -9.37 11.03 -29.05
CA ILE B 252 -7.99 11.24 -28.66
C ILE B 252 -7.84 11.11 -27.14
N TYR B 253 -6.84 10.34 -26.73
CA TYR B 253 -6.56 10.16 -25.32
C TYR B 253 -5.26 10.85 -24.97
N HIS B 254 -5.20 11.41 -23.77
CA HIS B 254 -3.96 11.95 -23.26
C HIS B 254 -2.91 10.85 -23.11
N PRO B 255 -1.67 11.11 -23.56
CA PRO B 255 -0.58 10.12 -23.48
C PRO B 255 -0.39 9.56 -22.07
N VAL B 256 -0.55 10.39 -21.04
CA VAL B 256 -0.32 9.93 -19.69
C VAL B 256 -1.43 8.96 -19.25
N THR B 257 -2.66 9.22 -19.68
CA THR B 257 -3.77 8.31 -19.42
C THR B 257 -3.54 6.95 -20.09
N VAL B 258 -3.03 6.95 -21.32
CA VAL B 258 -2.72 5.69 -22.03
C VAL B 258 -1.64 4.88 -21.29
N ALA B 259 -0.57 5.56 -20.89
CA ALA B 259 0.48 4.98 -20.08
C ALA B 259 -0.05 4.37 -18.76
N GLN B 260 -0.85 5.13 -18.03
CA GLN B 260 -1.43 4.63 -16.79
C GLN B 260 -2.27 3.39 -17.03
N ALA B 261 -3.08 3.40 -18.08
CA ALA B 261 -3.90 2.24 -18.40
C ALA B 261 -3.03 1.02 -18.61
N ALA B 262 -1.90 1.20 -19.31
CA ALA B 262 -0.98 0.10 -19.56
C ALA B 262 -0.38 -0.42 -18.25
N ASP B 263 -0.01 0.51 -17.37
CA ASP B 263 0.51 0.16 -16.05
C ASP B 263 -0.54 -0.63 -15.28
N GLU B 264 -1.77 -0.13 -15.29
CA GLU B 264 -2.86 -0.74 -14.53
C GLU B 264 -3.18 -2.15 -14.99
N LEU B 265 -3.03 -2.42 -16.28
CA LEU B 265 -3.32 -3.77 -16.76
C LEU B 265 -2.43 -4.84 -16.13
N LEU B 266 -1.20 -4.46 -15.75
CA LEU B 266 -0.29 -5.43 -15.16
C LEU B 266 -0.73 -5.84 -13.76
N SER B 267 -1.69 -5.10 -13.19
CA SER B 267 -2.19 -5.44 -11.87
C SER B 267 -3.32 -6.46 -11.93
N LEU B 268 -3.70 -6.84 -13.14
CA LEU B 268 -4.81 -7.77 -13.31
C LEU B 268 -4.30 -9.19 -13.55
N GLU B 269 -5.08 -10.18 -13.10
CA GLU B 269 -4.69 -11.59 -13.15
C GLU B 269 -4.39 -12.04 -14.56
N GLY B 270 -3.35 -12.87 -14.71
CA GLY B 270 -3.08 -13.53 -15.97
C GLY B 270 -2.40 -12.68 -17.04
N ILE B 271 -2.18 -11.40 -16.76
CA ILE B 271 -1.57 -10.50 -17.75
C ILE B 271 -0.06 -10.37 -17.57
N GLU B 272 0.70 -10.84 -18.56
CA GLU B 272 2.15 -10.81 -18.52
C GLU B 272 2.71 -9.53 -19.16
N ALA B 273 2.00 -9.03 -20.17
CA ALA B 273 2.41 -7.81 -20.85
C ALA B 273 1.20 -7.06 -21.37
N SER B 274 1.19 -5.74 -21.27
CA SER B 274 0.06 -4.97 -21.79
C SER B 274 0.45 -4.07 -22.95
N TYR B 275 -0.43 -3.97 -23.95
CA TYR B 275 -0.29 -2.96 -24.99
C TYR B 275 -1.60 -2.20 -25.09
N VAL B 276 -1.54 -0.89 -24.99
CA VAL B 276 -2.71 -0.04 -25.04
C VAL B 276 -2.55 0.91 -26.24
N VAL B 277 -3.51 0.85 -27.15
CA VAL B 277 -3.48 1.58 -28.41
C VAL B 277 -4.57 2.65 -28.43
N ALA B 278 -4.17 3.91 -28.45
CA ALA B 278 -5.15 5.00 -28.47
C ALA B 278 -4.71 6.13 -29.39
N ARG B 279 -5.67 6.74 -30.10
CA ARG B 279 -5.33 7.87 -30.95
C ARG B 279 -4.76 9.01 -30.11
N ARG B 280 -3.64 9.58 -30.53
CA ARG B 280 -3.15 10.77 -29.83
C ARG B 280 -3.27 12.07 -30.62
N GLU B 281 -3.36 11.99 -31.95
CA GLU B 281 -3.71 13.15 -32.77
C GLU B 281 -4.53 12.77 -33.98
N ASP B 282 -4.87 13.77 -34.79
CA ASP B 282 -5.63 13.54 -36.01
C ASP B 282 -4.89 12.58 -36.96
N ASN B 283 -3.57 12.53 -36.85
CA ASN B 283 -2.76 11.69 -37.74
C ASN B 283 -1.78 10.75 -37.04
N LEU B 284 -1.98 10.49 -35.75
CA LEU B 284 -0.99 9.78 -34.95
C LEU B 284 -1.64 8.83 -33.92
N ILE B 285 -1.17 7.58 -33.88
CA ILE B 285 -1.66 6.62 -32.89
C ILE B 285 -0.54 6.35 -31.91
N GLY B 286 -0.89 6.29 -30.64
CA GLY B 286 0.11 5.99 -29.63
C GLY B 286 -0.08 4.60 -29.07
N ILE B 287 1.01 3.98 -28.63
CA ILE B 287 0.93 2.70 -27.95
C ILE B 287 1.89 2.72 -26.77
N SER B 288 1.36 2.45 -25.58
CA SER B 288 2.21 2.21 -24.43
C SER B 288 2.24 0.72 -24.14
N ALA B 289 3.43 0.21 -23.89
CA ALA B 289 3.63 -1.22 -23.65
C ALA B 289 4.30 -1.37 -22.30
N ARG B 290 3.86 -2.38 -21.55
CA ARG B 290 4.40 -2.63 -20.23
C ARG B 290 4.54 -4.13 -20.03
N SER B 291 5.43 -4.52 -19.15
CA SER B 291 5.62 -5.95 -18.90
C SER B 291 6.05 -6.20 -17.47
N LEU B 292 5.68 -7.37 -16.96
CA LEU B 292 6.13 -7.81 -15.66
C LEU B 292 7.63 -8.06 -15.63
N GLY B 293 8.21 -8.35 -16.80
CA GLY B 293 9.66 -8.51 -16.89
C GLY B 293 10.07 -9.76 -17.63
N SER B 294 9.08 -10.54 -18.07
CA SER B 294 9.34 -11.74 -18.85
C SER B 294 9.26 -11.40 -20.33
N VAL B 295 8.09 -10.95 -20.76
CA VAL B 295 7.91 -10.49 -22.14
C VAL B 295 8.66 -9.17 -22.36
N ASN B 296 9.35 -9.07 -23.48
CA ASN B 296 10.13 -7.88 -23.79
C ASN B 296 9.37 -6.98 -24.74
N VAL B 297 8.84 -5.86 -24.23
CA VAL B 297 8.02 -4.95 -25.05
C VAL B 297 8.88 -3.88 -25.71
N GLN B 298 10.15 -3.83 -25.35
CA GLN B 298 11.10 -2.96 -26.03
C GLN B 298 11.26 -3.43 -27.46
N LEU B 299 11.50 -4.73 -27.64
CA LEU B 299 11.61 -5.31 -28.97
C LEU B 299 10.35 -5.11 -29.83
N THR B 300 9.18 -5.31 -29.24
CA THR B 300 7.92 -5.09 -29.98
C THR B 300 7.81 -3.63 -30.42
N MET B 301 8.17 -2.73 -29.52
CA MET B 301 8.01 -1.33 -29.83
C MET B 301 9.08 -0.90 -30.83
N GLU B 302 10.31 -1.37 -30.63
CA GLU B 302 11.37 -1.09 -31.59
C GLU B 302 10.94 -1.55 -32.98
N ALA B 303 10.39 -2.74 -33.06
CA ALA B 303 9.90 -3.27 -34.33
C ALA B 303 8.88 -2.35 -35.00
N LEU B 304 8.28 -1.46 -34.21
CA LEU B 304 7.27 -0.55 -34.75
C LEU B 304 7.78 0.89 -34.76
N GLY B 305 9.09 1.06 -34.69
CA GLY B 305 9.71 2.36 -34.85
C GLY B 305 9.68 3.19 -33.59
N GLY B 306 9.61 2.51 -32.45
CA GLY B 306 9.69 3.16 -31.16
C GLY B 306 10.84 2.64 -30.33
N GLY B 307 10.58 2.39 -29.05
CA GLY B 307 11.60 1.87 -28.17
C GLY B 307 11.36 2.24 -26.72
N GLY B 308 12.39 2.09 -25.92
CA GLY B 308 12.26 2.24 -24.49
C GLY B 308 13.02 1.15 -23.78
N HIS B 309 12.36 0.47 -22.86
CA HIS B 309 13.05 -0.47 -21.98
C HIS B 309 12.29 -1.78 -21.93
N LEU B 310 12.94 -2.79 -21.36
CA LEU B 310 12.39 -4.14 -21.36
C LEU B 310 10.96 -4.19 -20.82
N THR B 311 10.70 -3.49 -19.72
CA THR B 311 9.40 -3.57 -19.05
C THR B 311 8.49 -2.38 -19.40
N ASN B 312 9.00 -1.45 -20.18
CA ASN B 312 8.28 -0.20 -20.36
C ASN B 312 8.80 0.59 -21.55
N ALA B 313 7.98 0.63 -22.60
CA ALA B 313 8.38 1.21 -23.86
C ALA B 313 7.14 1.75 -24.56
N ALA B 314 7.33 2.39 -25.71
CA ALA B 314 6.20 2.91 -26.45
C ALA B 314 6.53 3.22 -27.90
N THR B 315 5.51 3.52 -28.69
CA THR B 315 5.72 3.99 -30.06
C THR B 315 4.57 4.87 -30.50
N GLN B 316 4.83 5.66 -31.53
CA GLN B 316 3.81 6.49 -32.13
C GLN B 316 3.73 6.17 -33.62
N LEU B 317 2.53 5.89 -34.11
CA LEU B 317 2.36 5.46 -35.49
C LEU B 317 1.66 6.52 -36.32
N LYS B 318 2.43 7.17 -37.19
CA LYS B 318 1.85 8.17 -38.08
C LYS B 318 1.03 7.54 -39.21
N GLY B 319 -0.19 8.04 -39.42
CA GLY B 319 -0.93 7.77 -40.64
C GLY B 319 -1.84 6.55 -40.67
N VAL B 320 -2.08 5.95 -39.51
CA VAL B 320 -2.93 4.77 -39.43
C VAL B 320 -4.12 5.00 -38.51
N THR B 321 -5.18 4.24 -38.72
CA THR B 321 -6.29 4.19 -37.79
C THR B 321 -5.90 3.34 -36.57
N VAL B 322 -6.75 3.30 -35.55
CA VAL B 322 -6.46 2.50 -34.35
C VAL B 322 -6.45 1.01 -34.73
N GLU B 323 -7.42 0.62 -35.55
CA GLU B 323 -7.53 -0.75 -36.03
C GLU B 323 -6.30 -1.21 -36.83
N GLU B 324 -5.80 -0.35 -37.72
CA GLU B 324 -4.55 -0.62 -38.43
C GLU B 324 -3.38 -0.73 -37.45
N ALA B 325 -3.30 0.19 -36.49
CA ALA B 325 -2.24 0.11 -35.48
C ALA B 325 -2.29 -1.22 -34.75
N ILE B 326 -3.50 -1.69 -34.47
CA ILE B 326 -3.69 -2.94 -33.76
C ILE B 326 -3.21 -4.11 -34.64
N ALA B 327 -3.64 -4.10 -35.89
CA ALA B 327 -3.19 -5.14 -36.83
C ALA B 327 -1.66 -5.17 -36.92
N GLN B 328 -1.04 -4.00 -37.04
CA GLN B 328 0.41 -3.93 -37.13
C GLN B 328 1.08 -4.37 -35.85
N LEU B 329 0.42 -4.12 -34.72
CA LEU B 329 0.98 -4.48 -33.43
C LEU B 329 0.97 -6.00 -33.28
N GLN B 330 -0.14 -6.61 -33.67
CA GLN B 330 -0.25 -8.06 -33.61
C GLN B 330 0.80 -8.74 -34.49
N GLN B 331 0.97 -8.23 -35.71
CA GLN B 331 2.00 -8.77 -36.59
C GLN B 331 3.37 -8.71 -35.93
N ALA B 332 3.70 -7.56 -35.32
CA ALA B 332 4.96 -7.46 -34.60
C ALA B 332 5.00 -8.49 -33.46
N ILE B 333 3.89 -8.64 -32.75
CA ILE B 333 3.86 -9.56 -31.62
C ILE B 333 4.08 -11.00 -32.11
N THR B 334 3.34 -11.39 -33.13
CA THR B 334 3.53 -12.70 -33.72
C THR B 334 4.99 -12.93 -34.12
N GLU B 335 5.56 -12.00 -34.88
CA GLU B 335 6.95 -12.10 -35.29
C GLU B 335 7.89 -12.32 -34.11
N GLN B 336 7.67 -11.55 -33.05
CA GLN B 336 8.57 -11.60 -31.90
C GLN B 336 8.53 -12.98 -31.27
N LEU B 337 7.37 -13.61 -31.34
CA LEU B 337 7.15 -14.91 -30.77
C LEU B 337 7.48 -16.00 -31.77
MN MN E . -6.89 -11.46 10.69
MN MN F . -8.96 -13.83 9.09
MN MN G . 12.68 11.05 -4.14
MN MN H . 11.64 13.53 -6.37
#